data_6UCX
# 
_entry.id   6UCX 
# 
_audit_conform.dict_name       mmcif_pdbx.dic 
_audit_conform.dict_version    5.399 
_audit_conform.dict_location   http://mmcif.pdb.org/dictionaries/ascii/mmcif_pdbx.dic 
# 
loop_
_database_2.database_id 
_database_2.database_code 
_database_2.pdbx_database_accession 
_database_2.pdbx_DOI 
PDB   6UCX         pdb_00006ucx 10.2210/pdb6ucx/pdb 
WWPDB D_1000244398 ?            ?                   
# 
loop_
_pdbx_audit_revision_history.ordinal 
_pdbx_audit_revision_history.data_content_type 
_pdbx_audit_revision_history.major_revision 
_pdbx_audit_revision_history.minor_revision 
_pdbx_audit_revision_history.revision_date 
1 'Structure model' 1 0 2020-09-23 
2 'Structure model' 1 1 2020-12-02 
3 'Structure model' 1 2 2021-07-28 
4 'Structure model' 1 3 2024-11-20 
# 
_pdbx_audit_revision_details.ordinal             1 
_pdbx_audit_revision_details.revision_ordinal    1 
_pdbx_audit_revision_details.data_content_type   'Structure model' 
_pdbx_audit_revision_details.provider            repository 
_pdbx_audit_revision_details.type                'Initial release' 
_pdbx_audit_revision_details.description         ? 
_pdbx_audit_revision_details.details             ? 
# 
loop_
_pdbx_audit_revision_group.ordinal 
_pdbx_audit_revision_group.revision_ordinal 
_pdbx_audit_revision_group.data_content_type 
_pdbx_audit_revision_group.group 
1 2 'Structure model' 'Database references'    
2 3 'Structure model' 'Refinement description' 
3 4 'Structure model' 'Data collection'        
4 4 'Structure model' 'Database references'    
5 4 'Structure model' 'Refinement description' 
6 4 'Structure model' 'Structure summary'      
# 
loop_
_pdbx_audit_revision_category.ordinal 
_pdbx_audit_revision_category.revision_ordinal 
_pdbx_audit_revision_category.data_content_type 
_pdbx_audit_revision_category.category 
1 2 'Structure model' citation           
2 2 'Structure model' citation_author    
3 3 'Structure model' refine             
4 4 'Structure model' chem_comp_atom     
5 4 'Structure model' chem_comp_bond     
6 4 'Structure model' database_2         
7 4 'Structure model' pdbx_entry_details 
8 4 'Structure model' refine             
# 
loop_
_pdbx_audit_revision_item.ordinal 
_pdbx_audit_revision_item.revision_ordinal 
_pdbx_audit_revision_item.data_content_type 
_pdbx_audit_revision_item.item 
1  2 'Structure model' '_citation.country'                            
2  2 'Structure model' '_citation.journal_abbrev'                     
3  2 'Structure model' '_citation.journal_id_ASTM'                    
4  2 'Structure model' '_citation.journal_id_CSD'                     
5  2 'Structure model' '_citation.journal_id_ISSN'                    
6  2 'Structure model' '_citation.journal_volume'                     
7  2 'Structure model' '_citation.page_first'                         
8  2 'Structure model' '_citation.page_last'                          
9  2 'Structure model' '_citation.pdbx_database_id_DOI'               
10 2 'Structure model' '_citation.pdbx_database_id_PubMed'            
11 2 'Structure model' '_citation.title'                              
12 2 'Structure model' '_citation.year'                               
13 2 'Structure model' '_citation_author.identifier_ORCID'            
14 2 'Structure model' '_citation_author.name'                        
15 3 'Structure model' '_refine.ls_percent_reflns_obs'                
16 4 'Structure model' '_database_2.pdbx_DOI'                         
17 4 'Structure model' '_database_2.pdbx_database_accession'          
18 4 'Structure model' '_pdbx_entry_details.has_protein_modification' 
19 4 'Structure model' '_refine.pdbx_diffrn_id'                       
# 
_pdbx_database_status.status_code                     REL 
_pdbx_database_status.status_code_sf                  REL 
_pdbx_database_status.status_code_mr                  ? 
_pdbx_database_status.entry_id                        6UCX 
_pdbx_database_status.recvd_initial_deposition_date   2019-09-18 
_pdbx_database_status.SG_entry                        N 
_pdbx_database_status.deposit_site                    RCSB 
_pdbx_database_status.process_site                    RCSB 
_pdbx_database_status.status_code_cs                  ? 
_pdbx_database_status.methods_development_category    ? 
_pdbx_database_status.pdb_format_compatible           Y 
_pdbx_database_status.status_code_nmr_data            ? 
# 
loop_
_audit_author.name 
_audit_author.pdbx_ordinal 
_audit_author.identifier_ORCID 
'Mulligan, V.K.'  1 0000-0001-6038-8922 
'Kang, C.S.'      2 0000-0003-0959-0783 
'Antselovich, I.' 3 0000-0002-2208-9937 
'Sawaya, M.R.'    4 0000-0003-0874-9043 
'Yeates, T.O.'    5 0000-0001-5709-9839 
'Baker, D.'       6 0000-0001-7896-6217 
# 
_citation.abstract                  ? 
_citation.abstract_id_CAS           ? 
_citation.book_id_ISBN              ? 
_citation.book_publisher            ? 
_citation.book_publisher_city       ? 
_citation.book_title                ? 
_citation.coordinate_linkage        ? 
_citation.country                   US 
_citation.database_id_Medline       ? 
_citation.details                   ? 
_citation.id                        primary 
_citation.journal_abbrev            'Protein Sci.' 
_citation.journal_id_ASTM           PRCIEI 
_citation.journal_id_CSD            0795 
_citation.journal_id_ISSN           1469-896X 
_citation.journal_full              ? 
_citation.journal_issue             ? 
_citation.journal_volume            29 
_citation.language                  ? 
_citation.page_first                2433 
_citation.page_last                 2445 
_citation.title                     'Computational design of mixed chirality peptide macrocycles with internal symmetry.' 
_citation.year                      2020 
_citation.database_id_CSD           ? 
_citation.pdbx_database_id_DOI      10.1002/pro.3974 
_citation.pdbx_database_id_PubMed   33058266 
_citation.unpublished_flag          ? 
# 
loop_
_citation_author.citation_id 
_citation_author.name 
_citation_author.ordinal 
_citation_author.identifier_ORCID 
primary 'Mulligan, V.K.'  1  0000-0001-6038-8922 
primary 'Kang, C.S.'      2  0000-0003-0959-0783 
primary 'Sawaya, M.R.'    3  ?                   
primary 'Rettie, S.'      4  ?                   
primary 'Li, X.'          5  ?                   
primary 'Antselovich, I.' 6  ?                   
primary 'Craven, T.W.'    7  ?                   
primary 'Watkins, A.M.'   8  ?                   
primary 'Labonte, J.W.'   9  ?                   
primary 'DiMaio, F.'      10 ?                   
primary 'Yeates, T.O.'    11 0000-0001-5709-9839 
primary 'Baker, D.'       12 ?                   
# 
loop_
_entity.id 
_entity.type 
_entity.src_method 
_entity.pdbx_description 
_entity.formula_weight 
_entity.pdbx_number_of_molecules 
_entity.pdbx_ec 
_entity.pdbx_mutation 
_entity.pdbx_fragment 
_entity.details 
1 polymer     syn 'S2-1, Wednesday'      926.087 1 ? ? ? ? 
2 non-polymer syn 'trifluoroacetic acid' 114.023 2 ? ? ? ? 
3 water       nat water                  18.015  2 ? ? ? ? 
# 
_entity_poly.entity_id                      1 
_entity_poly.type                           'polypeptide(L)' 
_entity_poly.nstd_linkage                   no 
_entity_poly.nstd_monomer                   yes 
_entity_poly.pdbx_seq_one_letter_code       'P(DGL)V(DLY)(DPR)E(DVA)K' 
_entity_poly.pdbx_seq_one_letter_code_can   PEVKPEVK 
_entity_poly.pdbx_strand_id                 A 
_entity_poly.pdbx_target_identifier         ? 
# 
loop_
_pdbx_entity_nonpoly.entity_id 
_pdbx_entity_nonpoly.name 
_pdbx_entity_nonpoly.comp_id 
2 'trifluoroacetic acid' TFA 
3 water                  HOH 
# 
loop_
_entity_poly_seq.entity_id 
_entity_poly_seq.num 
_entity_poly_seq.mon_id 
_entity_poly_seq.hetero 
1 1 PRO n 
1 2 DGL n 
1 3 VAL n 
1 4 DLY n 
1 5 DPR n 
1 6 GLU n 
1 7 DVA n 
1 8 LYS n 
# 
_pdbx_entity_src_syn.entity_id              1 
_pdbx_entity_src_syn.pdbx_src_id            1 
_pdbx_entity_src_syn.pdbx_alt_source_flag   sample 
_pdbx_entity_src_syn.pdbx_beg_seq_num       1 
_pdbx_entity_src_syn.pdbx_end_seq_num       8 
_pdbx_entity_src_syn.organism_scientific    'synthetic construct' 
_pdbx_entity_src_syn.organism_common_name   ? 
_pdbx_entity_src_syn.ncbi_taxonomy_id       32630 
_pdbx_entity_src_syn.details                'ab initio design' 
# 
loop_
_chem_comp.id 
_chem_comp.type 
_chem_comp.mon_nstd_flag 
_chem_comp.name 
_chem_comp.pdbx_synonyms 
_chem_comp.formula 
_chem_comp.formula_weight 
DGL 'D-peptide linking' . 'D-GLUTAMIC ACID'      ? 'C5 H9 N O4'     147.129 
DLY 'D-peptide linking' . D-LYSINE               ? 'C6 H14 N2 O2'   146.188 
DPR 'D-peptide linking' . D-PROLINE              ? 'C5 H9 N O2'     115.130 
DVA 'D-peptide linking' . D-VALINE               ? 'C5 H11 N O2'    117.146 
GLU 'L-peptide linking' y 'GLUTAMIC ACID'        ? 'C5 H9 N O4'     147.129 
HOH non-polymer         . WATER                  ? 'H2 O'           18.015  
LYS 'L-peptide linking' y LYSINE                 ? 'C6 H15 N2 O2 1' 147.195 
PRO 'L-peptide linking' y PROLINE                ? 'C5 H9 N O2'     115.130 
TFA non-polymer         . 'trifluoroacetic acid' ? 'C2 H F3 O2'     114.023 
VAL 'L-peptide linking' y VALINE                 ? 'C5 H11 N O2'    117.146 
# 
loop_
_pdbx_poly_seq_scheme.asym_id 
_pdbx_poly_seq_scheme.entity_id 
_pdbx_poly_seq_scheme.seq_id 
_pdbx_poly_seq_scheme.mon_id 
_pdbx_poly_seq_scheme.ndb_seq_num 
_pdbx_poly_seq_scheme.pdb_seq_num 
_pdbx_poly_seq_scheme.auth_seq_num 
_pdbx_poly_seq_scheme.pdb_mon_id 
_pdbx_poly_seq_scheme.auth_mon_id 
_pdbx_poly_seq_scheme.pdb_strand_id 
_pdbx_poly_seq_scheme.pdb_ins_code 
_pdbx_poly_seq_scheme.hetero 
A 1 1 PRO 1 1 1 PRO PRO A . n 
A 1 2 DGL 2 2 2 DGL DGL A . n 
A 1 3 VAL 3 3 3 VAL VAL A . n 
A 1 4 DLY 4 4 4 DLY DLY A . n 
A 1 5 DPR 5 5 5 DPR DPR A . n 
A 1 6 GLU 6 6 6 GLU GLU A . n 
A 1 7 DVA 7 7 7 DVA DVA A . n 
A 1 8 LYS 8 8 8 LYS LYS A . n 
# 
loop_
_pdbx_nonpoly_scheme.asym_id 
_pdbx_nonpoly_scheme.entity_id 
_pdbx_nonpoly_scheme.mon_id 
_pdbx_nonpoly_scheme.ndb_seq_num 
_pdbx_nonpoly_scheme.pdb_seq_num 
_pdbx_nonpoly_scheme.auth_seq_num 
_pdbx_nonpoly_scheme.pdb_mon_id 
_pdbx_nonpoly_scheme.auth_mon_id 
_pdbx_nonpoly_scheme.pdb_strand_id 
_pdbx_nonpoly_scheme.pdb_ins_code 
B 2 TFA 1 101 101 TFA TFA A . 
C 2 TFA 1 102 102 TFA TFA A . 
D 3 HOH 1 201 201 HOH HOH A . 
D 3 HOH 2 202 202 HOH HOH A . 
# 
loop_
_software.citation_id 
_software.classification 
_software.compiler_name 
_software.compiler_version 
_software.contact_author 
_software.contact_author_email 
_software.date 
_software.description 
_software.dependencies 
_software.hardware 
_software.language 
_software.location 
_software.mods 
_software.name 
_software.os 
_software.os_version 
_software.type 
_software.version 
_software.pdbx_ordinal 
? refinement        ? ? ? ? ? ? ? ? ? ? ? SHELXT      ? ? ? 2018/3   1 
? 'data reduction'  ? ? ? ? ? ? ? ? ? ? ? XDS         ? ? ? 20170601 2 
? 'data scaling'    ? ? ? ? ? ? ? ? ? ? ? XSCALE      ? ? ? 20170601 3 
? 'data extraction' ? ? ? ? ? ? ? ? ? ? ? PDB_EXTRACT ? ? ? 3.25     4 
? phasing           ? ? ? ? ? ? ? ? ? ? ? SHELXT      ? ? ? .        5 
# 
_cell.entry_id           6UCX 
_cell.length_a           12.580 
_cell.length_b           29.810 
_cell.length_c           15.260 
_cell.angle_alpha        90.00 
_cell.angle_beta         94.21 
_cell.angle_gamma        90.00 
_cell.Z_PDB              4 
_cell.pdbx_unique_axis   ? 
# 
_symmetry.entry_id                         6UCX 
_symmetry.space_group_name_H-M             'P 1 21/c 1' 
_symmetry.pdbx_full_space_group_name_H-M   ? 
_symmetry.cell_setting                     ? 
_symmetry.Int_Tables_number                14 
# 
_exptl.absorpt_coefficient_mu     ? 
_exptl.absorpt_correction_T_max   ? 
_exptl.absorpt_correction_T_min   ? 
_exptl.absorpt_correction_type    ? 
_exptl.absorpt_process_details    ? 
_exptl.entry_id                   6UCX 
_exptl.crystals_number            1 
_exptl.details                    ? 
_exptl.method                     'X-RAY DIFFRACTION' 
_exptl.method_details             ? 
# 
_exptl_crystal.colour                      ? 
_exptl_crystal.density_diffrn              ? 
_exptl_crystal.density_Matthews            1.54 
_exptl_crystal.density_method              ? 
_exptl_crystal.density_percent_sol         20.17 
_exptl_crystal.description                 ? 
_exptl_crystal.F_000                       ? 
_exptl_crystal.id                          1 
_exptl_crystal.preparation                 ? 
_exptl_crystal.size_max                    ? 
_exptl_crystal.size_mid                    ? 
_exptl_crystal.size_min                    ? 
_exptl_crystal.size_rad                    ? 
_exptl_crystal.colour_lustre               ? 
_exptl_crystal.colour_modifier             ? 
_exptl_crystal.colour_primary              ? 
_exptl_crystal.density_meas                ? 
_exptl_crystal.density_meas_esd            ? 
_exptl_crystal.density_meas_gt             ? 
_exptl_crystal.density_meas_lt             ? 
_exptl_crystal.density_meas_temp           ? 
_exptl_crystal.density_meas_temp_esd       ? 
_exptl_crystal.density_meas_temp_gt        ? 
_exptl_crystal.density_meas_temp_lt        ? 
_exptl_crystal.pdbx_crystal_image_url      ? 
_exptl_crystal.pdbx_crystal_image_format   ? 
_exptl_crystal.pdbx_mosaicity              ? 
_exptl_crystal.pdbx_mosaicity_esd          ? 
# 
_exptl_crystal_grow.apparatus       ? 
_exptl_crystal_grow.atmosphere      ? 
_exptl_crystal_grow.crystal_id      1 
_exptl_crystal_grow.details         ? 
_exptl_crystal_grow.method          'VAPOR DIFFUSION, HANGING DROP' 
_exptl_crystal_grow.method_ref      ? 
_exptl_crystal_grow.pH              5.0 
_exptl_crystal_grow.pressure        ? 
_exptl_crystal_grow.pressure_esd    ? 
_exptl_crystal_grow.seeding         ? 
_exptl_crystal_grow.seeding_ref     ? 
_exptl_crystal_grow.temp            298 
_exptl_crystal_grow.temp_details    ? 
_exptl_crystal_grow.temp_esd        ? 
_exptl_crystal_grow.time            ? 
_exptl_crystal_grow.pdbx_details    '3.2 M ammonium sulfate, 0.1 M citrate pH 5.0' 
_exptl_crystal_grow.pdbx_pH_range   ? 
# 
_diffrn.ambient_environment              ? 
_diffrn.ambient_temp                     100 
_diffrn.ambient_temp_details             ? 
_diffrn.ambient_temp_esd                 ? 
_diffrn.crystal_id                       1 
_diffrn.crystal_support                  ? 
_diffrn.crystal_treatment                ? 
_diffrn.details                          ? 
_diffrn.id                               1 
_diffrn.ambient_pressure                 ? 
_diffrn.ambient_pressure_esd             ? 
_diffrn.ambient_pressure_gt              ? 
_diffrn.ambient_pressure_lt              ? 
_diffrn.ambient_temp_gt                  ? 
_diffrn.ambient_temp_lt                  ? 
_diffrn.pdbx_serial_crystal_experiment   N 
# 
_diffrn_detector.details                      ? 
_diffrn_detector.detector                     PIXEL 
_diffrn_detector.diffrn_id                    1 
_diffrn_detector.type                         'DECTRIS PILATUS 6M-F' 
_diffrn_detector.area_resol_mean              ? 
_diffrn_detector.dtime                        ? 
_diffrn_detector.pdbx_frames_total            ? 
_diffrn_detector.pdbx_collection_time_total   ? 
_diffrn_detector.pdbx_collection_date         2017-07-18 
_diffrn_detector.pdbx_frequency               ? 
# 
_diffrn_radiation.collimation                      ? 
_diffrn_radiation.diffrn_id                        1 
_diffrn_radiation.filter_edge                      ? 
_diffrn_radiation.inhomogeneity                    ? 
_diffrn_radiation.monochromator                    'Si (111)' 
_diffrn_radiation.polarisn_norm                    ? 
_diffrn_radiation.polarisn_ratio                   ? 
_diffrn_radiation.probe                            ? 
_diffrn_radiation.type                             ? 
_diffrn_radiation.xray_symbol                      ? 
_diffrn_radiation.wavelength_id                    1 
_diffrn_radiation.pdbx_monochromatic_or_laue_m_l   M 
_diffrn_radiation.pdbx_wavelength_list             ? 
_diffrn_radiation.pdbx_wavelength                  ? 
_diffrn_radiation.pdbx_diffrn_protocol             'SINGLE WAVELENGTH' 
_diffrn_radiation.pdbx_analyzer                    ? 
_diffrn_radiation.pdbx_scattering_type             x-ray 
# 
_diffrn_radiation_wavelength.id           1 
_diffrn_radiation_wavelength.wavelength   0.8856 
_diffrn_radiation_wavelength.wt           1.0 
# 
_diffrn_source.current                     ? 
_diffrn_source.details                     ? 
_diffrn_source.diffrn_id                   1 
_diffrn_source.power                       ? 
_diffrn_source.size                        ? 
_diffrn_source.source                      SYNCHROTRON 
_diffrn_source.target                      ? 
_diffrn_source.type                        'APS BEAMLINE 24-ID-C' 
_diffrn_source.voltage                     ? 
_diffrn_source.take-off_angle              ? 
_diffrn_source.pdbx_wavelength_list        0.8856 
_diffrn_source.pdbx_wavelength             ? 
_diffrn_source.pdbx_synchrotron_beamline   24-ID-C 
_diffrn_source.pdbx_synchrotron_site       APS 
# 
_reflns.B_iso_Wilson_estimate            7.475 
_reflns.entry_id                         6UCX 
_reflns.data_reduction_details           ? 
_reflns.data_reduction_method            ? 
_reflns.d_resolution_high                0.850 
_reflns.d_resolution_low                 14.9 
_reflns.details                          ? 
_reflns.limit_h_max                      ? 
_reflns.limit_h_min                      ? 
_reflns.limit_k_max                      ? 
_reflns.limit_k_min                      ? 
_reflns.limit_l_max                      ? 
_reflns.limit_l_min                      ? 
_reflns.number_all                       ? 
_reflns.number_obs                       7989 
_reflns.observed_criterion               ? 
_reflns.observed_criterion_F_max         ? 
_reflns.observed_criterion_F_min         ? 
_reflns.observed_criterion_I_max         ? 
_reflns.observed_criterion_I_min         ? 
_reflns.observed_criterion_sigma_F       ? 
_reflns.observed_criterion_sigma_I       ? 
_reflns.percent_possible_obs             82.400 
_reflns.R_free_details                   ? 
_reflns.Rmerge_F_all                     ? 
_reflns.Rmerge_F_obs                     ? 
_reflns.Friedel_coverage                 ? 
_reflns.number_gt                        ? 
_reflns.threshold_expression             ? 
_reflns.pdbx_redundancy                  6.251 
_reflns.pdbx_Rmerge_I_obs                0.040 
_reflns.pdbx_Rmerge_I_all                ? 
_reflns.pdbx_Rsym_value                  ? 
_reflns.pdbx_netI_over_av_sigmaI         ? 
_reflns.pdbx_netI_over_sigmaI            22.810 
_reflns.pdbx_res_netI_over_av_sigmaI_2   ? 
_reflns.pdbx_res_netI_over_sigmaI_2      ? 
_reflns.pdbx_chi_squared                 1.063 
_reflns.pdbx_scaling_rejects             ? 
_reflns.pdbx_d_res_high_opt              ? 
_reflns.pdbx_d_res_low_opt               ? 
_reflns.pdbx_d_res_opt_method            ? 
_reflns.phase_calculation_details        ? 
_reflns.pdbx_Rrim_I_all                  0.044 
_reflns.pdbx_Rpim_I_all                  ? 
_reflns.pdbx_d_opt                       ? 
_reflns.pdbx_number_measured_all         ? 
_reflns.pdbx_diffrn_id                   1 
_reflns.pdbx_ordinal                     1 
_reflns.pdbx_CC_half                     0.999 
_reflns.pdbx_R_split                     ? 
_reflns.pdbx_CC_star                     ? 
# 
loop_
_reflns_shell.d_res_high 
_reflns_shell.d_res_low 
_reflns_shell.meanI_over_sigI_all 
_reflns_shell.meanI_over_sigI_obs 
_reflns_shell.number_measured_all 
_reflns_shell.number_measured_obs 
_reflns_shell.number_possible 
_reflns_shell.number_unique_all 
_reflns_shell.number_unique_obs 
_reflns_shell.percent_possible_all 
_reflns_shell.percent_possible_obs 
_reflns_shell.Rmerge_F_all 
_reflns_shell.Rmerge_F_obs 
_reflns_shell.Rmerge_I_all 
_reflns_shell.Rmerge_I_obs 
_reflns_shell.meanI_over_sigI_gt 
_reflns_shell.meanI_over_uI_all 
_reflns_shell.meanI_over_uI_gt 
_reflns_shell.number_measured_gt 
_reflns_shell.number_unique_gt 
_reflns_shell.percent_possible_gt 
_reflns_shell.Rmerge_F_gt 
_reflns_shell.Rmerge_I_gt 
_reflns_shell.pdbx_redundancy 
_reflns_shell.pdbx_Rsym_value 
_reflns_shell.pdbx_chi_squared 
_reflns_shell.pdbx_netI_over_sigmaI_all 
_reflns_shell.pdbx_netI_over_sigmaI_obs 
_reflns_shell.pdbx_Rrim_I_all 
_reflns_shell.pdbx_Rpim_I_all 
_reflns_shell.pdbx_rejects 
_reflns_shell.pdbx_ordinal 
_reflns_shell.pdbx_diffrn_id 
_reflns_shell.pdbx_CC_half 
_reflns_shell.pdbx_R_split 
_reflns_shell.pdbx_CC_star 
0.850 0.870 ? 5.280  ? ? ? ? 196 28.000  ? ? ? ? 0.140 ? ? ? ? ? ? ? ? 2.724 ? ? ? ? 0.171 ? ? 1  1 0.987 ? ? 
0.870 0.900 ? 6.270  ? ? ? ? 318 43.900  ? ? ? ? 0.140 ? ? ? ? ? ? ? ? 3.623 ? ? ? ? 0.163 ? ? 2  1 0.989 ? ? 
0.900 0.920 ? 8.340  ? ? ? ? 403 61.200  ? ? ? ? 0.120 ? ? ? ? ? ? ? ? 4.360 ? ? ? ? 0.135 ? ? 3  1 0.992 ? ? 
0.920 0.950 ? 11.160 ? ? ? ? 534 77.100  ? ? ? ? 0.102 ? ? ? ? ? ? ? ? 5.361 ? ? ? ? 0.113 ? ? 4  1 0.995 ? ? 
0.950 0.980 ? 13.500 ? ? ? ? 538 86.800  ? ? ? ? 0.096 ? ? ? ? ? ? ? ? 6.678 ? ? ? ? 0.104 ? ? 5  1 0.997 ? ? 
0.980 1.020 ? 15.970 ? ? ? ? 560 91.100  ? ? ? ? 0.082 ? ? ? ? ? ? ? ? 6.627 ? ? ? ? 0.089 ? ? 6  1 0.997 ? ? 
1.020 1.060 ? 17.140 ? ? ? ? 552 91.500  ? ? ? ? 0.073 ? ? ? ? ? ? ? ? 6.438 ? ? ? ? 0.079 ? ? 7  1 0.998 ? ? 
1.060 1.100 ? 22.630 ? ? ? ? 553 95.700  ? ? ? ? 0.056 ? ? ? ? ? ? ? ? 6.817 ? ? ? ? 0.061 ? ? 8  1 0.998 ? ? 
1.100 1.150 ? 22.870 ? ? ? ? 515 92.100  ? ? ? ? 0.054 ? ? ? ? ? ? ? ? 6.612 ? ? ? ? 0.059 ? ? 9  1 0.998 ? ? 
1.150 1.200 ? 24.280 ? ? ? ? 501 98.200  ? ? ? ? 0.051 ? ? ? ? ? ? ? ? 6.395 ? ? ? ? 0.055 ? ? 10 1 0.997 ? ? 
1.200 1.270 ? 25.600 ? ? ? ? 480 93.400  ? ? ? ? 0.051 ? ? ? ? ? ? ? ? 6.921 ? ? ? ? 0.056 ? ? 11 1 0.998 ? ? 
1.270 1.350 ? 26.580 ? ? ? ? 460 98.500  ? ? ? ? 0.049 ? ? ? ? ? ? ? ? 6.796 ? ? ? ? 0.053 ? ? 12 1 0.999 ? ? 
1.350 1.440 ? 27.070 ? ? ? ? 410 94.700  ? ? ? ? 0.045 ? ? ? ? ? ? ? ? 6.385 ? ? ? ? 0.049 ? ? 13 1 0.998 ? ? 
1.440 1.550 ? 30.430 ? ? ? ? 419 98.100  ? ? ? ? 0.046 ? ? ? ? ? ? ? ? 6.878 ? ? ? ? 0.050 ? ? 14 1 0.999 ? ? 
1.550 1.700 ? 32.900 ? ? ? ? 374 97.700  ? ? ? ? 0.043 ? ? ? ? ? ? ? ? 7.078 ? ? ? ? 0.047 ? ? 15 1 0.999 ? ? 
1.700 1.900 ? 36.550 ? ? ? ? 335 96.000  ? ? ? ? 0.038 ? ? ? ? ? ? ? ? 6.528 ? ? ? ? 0.041 ? ? 16 1 0.999 ? ? 
1.900 2.200 ? 39.580 ? ? ? ? 290 97.300  ? ? ? ? 0.035 ? ? ? ? ? ? ? ? 6.548 ? ? ? ? 0.037 ? ? 17 1 0.999 ? ? 
2.200 2.690 ? 40.760 ? ? ? ? 253 100.000 ? ? ? ? 0.037 ? ? ? ? ? ? ? ? 6.763 ? ? ? ? 0.040 ? ? 18 1 0.999 ? ? 
2.690 3.810 ? 42.790 ? ? ? ? 193 95.100  ? ? ? ? 0.032 ? ? ? ? ? ? ? ? 6.539 ? ? ? ? 0.035 ? ? 19 1 0.999 ? ? 
3.810 14.9  ? 45.720 ? ? ? ? 105 100.000 ? ? ? ? 0.034 ? ? ? ? ? ? ? ? 7.057 ? ? ? ? 0.036 ? ? 20 1 1.000 ? ? 
# 
_refine.pdbx_refine_id                           'X-RAY DIFFRACTION' 
_refine.entry_id                                 6UCX 
_refine.pdbx_diffrn_id                           1 
_refine.pdbx_TLS_residual_ADP_flag               ? 
_refine.ls_number_reflns_obs                     7989 
_refine.ls_number_reflns_all                     ? 
_refine.pdbx_ls_sigma_I                          ? 
_refine.pdbx_ls_sigma_F                          ? 
_refine.pdbx_data_cutoff_high_absF               ? 
_refine.pdbx_data_cutoff_low_absF                ? 
_refine.pdbx_data_cutoff_high_rms_absF           ? 
_refine.ls_d_res_low                             14.90 
_refine.ls_d_res_high                            0.85 
_refine.ls_percent_reflns_obs                    80 
_refine.ls_R_factor_obs                          ? 
_refine.ls_R_factor_all                          ? 
_refine.ls_R_factor_R_work                       0.0762 
_refine.ls_R_factor_R_free                       0.085 
_refine.ls_R_factor_R_free_error                 ? 
_refine.ls_R_factor_R_free_error_details         ? 
_refine.ls_percent_reflns_R_free                 10.000 
_refine.ls_number_reflns_R_free                  799 
_refine.ls_number_parameters                     ? 
_refine.ls_number_restraints                     1426 
_refine.occupancy_min                            ? 
_refine.occupancy_max                            ? 
_refine.correlation_coeff_Fo_to_Fc               ? 
_refine.correlation_coeff_Fo_to_Fc_free          ? 
_refine.B_iso_mean                               ? 
_refine.aniso_B[1][1]                            ? 
_refine.aniso_B[2][2]                            ? 
_refine.aniso_B[3][3]                            ? 
_refine.aniso_B[1][2]                            ? 
_refine.aniso_B[1][3]                            ? 
_refine.aniso_B[2][3]                            ? 
_refine.solvent_model_details                    ? 
_refine.solvent_model_param_ksol                 ? 
_refine.solvent_model_param_bsol                 ? 
_refine.pdbx_solvent_vdw_probe_radii             ? 
_refine.pdbx_solvent_ion_probe_radii             ? 
_refine.pdbx_solvent_shrinkage_radii             ? 
_refine.pdbx_ls_cross_valid_method               THROUGHOUT 
_refine.details                                  ? 
_refine.pdbx_starting_model                      ? 
_refine.pdbx_method_to_determine_struct          'AB INITIO PHASING' 
_refine.pdbx_isotropic_thermal_model             ? 
_refine.pdbx_stereochemistry_target_values       ? 
_refine.pdbx_stereochem_target_val_spec_case     ? 
_refine.pdbx_R_Free_selection_details            RANDOM 
_refine.pdbx_overall_ESU_R                       ? 
_refine.pdbx_overall_ESU_R_Free                  ? 
_refine.overall_SU_ML                            ? 
_refine.pdbx_overall_phase_error                 ? 
_refine.overall_SU_B                             ? 
_refine.overall_SU_R_Cruickshank_DPI             ? 
_refine.pdbx_overall_SU_R_free_Cruickshank_DPI   ? 
_refine.pdbx_overall_SU_R_Blow_DPI               ? 
_refine.pdbx_overall_SU_R_free_Blow_DPI          ? 
# 
_refine_hist.pdbx_refine_id                   'X-RAY DIFFRACTION' 
_refine_hist.cycle_id                         1 
_refine_hist.pdbx_number_atoms_protein        64 
_refine_hist.pdbx_number_atoms_nucleic_acid   0 
_refine_hist.pdbx_number_atoms_ligand         14 
_refine_hist.number_atoms_solvent             2 
_refine_hist.number_atoms_total               80 
_refine_hist.d_res_high                       0.85 
_refine_hist.d_res_low                        14.90 
# 
loop_
_refine_ls_restr.type 
_refine_ls_restr.dev_ideal 
_refine_ls_restr.dev_ideal_target 
_refine_ls_restr.weight 
_refine_ls_restr.number 
_refine_ls_restr.pdbx_refine_id 
_refine_ls_restr.pdbx_restraint_function 
s_bond_d               0.020 ? ? ? 'X-RAY DIFFRACTION' ? 
s_angle_d              ?     ? ? ? 'X-RAY DIFFRACTION' ? 
s_similar_dist         ?     ? ? ? 'X-RAY DIFFRACTION' ? 
s_from_restr_planes    ?     ? ? ? 'X-RAY DIFFRACTION' ? 
s_zero_chiral_vol      0.137 ? ? ? 'X-RAY DIFFRACTION' ? 
s_non_zero_chiral_vol  0.110 ? ? ? 'X-RAY DIFFRACTION' ? 
s_anti_bump_dis_restr  ?     ? ? ? 'X-RAY DIFFRACTION' ? 
s_rigid_bond_adp_cmpnt ?     ? ? ? 'X-RAY DIFFRACTION' ? 
s_similar_adp_cmpnt    ?     ? ? ? 'X-RAY DIFFRACTION' ? 
s_approx_iso_adps      ?     ? ? ? 'X-RAY DIFFRACTION' ? 
# 
_refine_ls_shell.R_factor_R_free                  ? 
_refine_ls_shell.R_factor_R_free_error            ? 
_refine_ls_shell.R_factor_R_work                  ? 
_refine_ls_shell.R_factor_all                     ? 
_refine_ls_shell.R_factor_obs                     0.150 
_refine_ls_shell.d_res_high                       0.85 
_refine_ls_shell.d_res_low                        0.92 
_refine_ls_shell.number_reflns_R_free             ? 
_refine_ls_shell.number_reflns_R_work             ? 
_refine_ls_shell.number_reflns_all                ? 
_refine_ls_shell.number_reflns_obs                728 
_refine_ls_shell.pdbx_R_complete                  ? 
_refine_ls_shell.pdbx_fsc_free                    ? 
_refine_ls_shell.pdbx_fsc_work                    ? 
_refine_ls_shell.pdbx_phase_error                 ? 
_refine_ls_shell.pdbx_refine_id                   'X-RAY DIFFRACTION' 
_refine_ls_shell.pdbx_total_number_of_bins_used   ? 
_refine_ls_shell.percent_reflns_R_free            ? 
_refine_ls_shell.percent_reflns_obs               ? 
_refine_ls_shell.redundancy_reflns_all            ? 
_refine_ls_shell.redundancy_reflns_obs            ? 
_refine_ls_shell.wR_factor_R_free                 ? 
_refine_ls_shell.wR_factor_R_work                 ? 
_refine_ls_shell.wR_factor_all                    ? 
_refine_ls_shell.wR_factor_obs                    ? 
# 
_pdbx_refine.pdbx_refine_id                              'X-RAY DIFFRACTION' 
_pdbx_refine.entry_id                                    6UCX 
_pdbx_refine.R_factor_all_no_cutoff                      ? 
_pdbx_refine.R_factor_obs_no_cutoff                      0.076 
_pdbx_refine.free_R_factor_no_cutoff                     0.085 
_pdbx_refine.free_R_error_no_cutoff                      ? 
_pdbx_refine.free_R_val_test_set_size_perc_no_cutoff     10.000 
_pdbx_refine.free_R_val_test_set_ct_no_cutoff            799 
_pdbx_refine.R_factor_all_4sig_cutoff                    ? 
_pdbx_refine.R_factor_obs_4sig_cutoff                    0.071 
_pdbx_refine.free_R_factor_4sig_cutoff                   0.080 
_pdbx_refine.free_R_val_test_set_size_perc_4sig_cutoff   8.950 
_pdbx_refine.free_R_val_test_set_ct_4sig_cutoff          715 
_pdbx_refine.number_reflns_obs_4sig_cutoff               7085 
# 
_struct.entry_id                     6UCX 
_struct.title                        'S2 symmetric peptide design number 1, Wednesday' 
_struct.pdbx_model_details           'S2 symmetric cyclic peptide' 
_struct.pdbx_formula_weight          ? 
_struct.pdbx_formula_weight_method   ? 
_struct.pdbx_model_type_details      ? 
_struct.pdbx_CASP_flag               N 
# 
_struct_keywords.entry_id        6UCX 
_struct_keywords.text            'cyclic peptide, centrosymmetric macrocycle, L and D-amino acids, DE NOVO PROTEIN' 
_struct_keywords.pdbx_keywords   'DE NOVO PROTEIN' 
# 
loop_
_struct_asym.id 
_struct_asym.pdbx_blank_PDB_chainid_flag 
_struct_asym.pdbx_modified 
_struct_asym.entity_id 
_struct_asym.details 
A N N 1 ? 
B N N 2 ? 
C N N 2 ? 
D N N 3 ? 
# 
_struct_ref.id                         1 
_struct_ref.db_name                    PDB 
_struct_ref.db_code                    6UCX 
_struct_ref.pdbx_db_accession          6UCX 
_struct_ref.pdbx_db_isoform            ? 
_struct_ref.entity_id                  1 
_struct_ref.pdbx_seq_one_letter_code   ? 
_struct_ref.pdbx_align_begin           1 
# 
_struct_ref_seq.align_id                      1 
_struct_ref_seq.ref_id                        1 
_struct_ref_seq.pdbx_PDB_id_code              6UCX 
_struct_ref_seq.pdbx_strand_id                A 
_struct_ref_seq.seq_align_beg                 1 
_struct_ref_seq.pdbx_seq_align_beg_ins_code   ? 
_struct_ref_seq.seq_align_end                 8 
_struct_ref_seq.pdbx_seq_align_end_ins_code   ? 
_struct_ref_seq.pdbx_db_accession             6UCX 
_struct_ref_seq.db_align_beg                  1 
_struct_ref_seq.pdbx_db_align_beg_ins_code    ? 
_struct_ref_seq.db_align_end                  8 
_struct_ref_seq.pdbx_db_align_end_ins_code    ? 
_struct_ref_seq.pdbx_auth_seq_align_beg       1 
_struct_ref_seq.pdbx_auth_seq_align_end       8 
# 
_pdbx_struct_assembly.id                   1 
_pdbx_struct_assembly.details              author_defined_assembly 
_pdbx_struct_assembly.method_details       ? 
_pdbx_struct_assembly.oligomeric_details   monomeric 
_pdbx_struct_assembly.oligomeric_count     1 
# 
_pdbx_struct_assembly_gen.assembly_id       1 
_pdbx_struct_assembly_gen.oper_expression   1 
_pdbx_struct_assembly_gen.asym_id_list      A,B,C,D 
# 
_pdbx_struct_assembly_auth_evidence.id                     1 
_pdbx_struct_assembly_auth_evidence.assembly_id            1 
_pdbx_struct_assembly_auth_evidence.experimental_support   none 
_pdbx_struct_assembly_auth_evidence.details                ? 
# 
_pdbx_struct_oper_list.id                   1 
_pdbx_struct_oper_list.type                 'identity operation' 
_pdbx_struct_oper_list.name                 1_555 
_pdbx_struct_oper_list.symmetry_operation   x,y,z 
_pdbx_struct_oper_list.matrix[1][1]         1.0000000000 
_pdbx_struct_oper_list.matrix[1][2]         0.0000000000 
_pdbx_struct_oper_list.matrix[1][3]         0.0000000000 
_pdbx_struct_oper_list.vector[1]            0.0000000000 
_pdbx_struct_oper_list.matrix[2][1]         0.0000000000 
_pdbx_struct_oper_list.matrix[2][2]         1.0000000000 
_pdbx_struct_oper_list.matrix[2][3]         0.0000000000 
_pdbx_struct_oper_list.vector[2]            0.0000000000 
_pdbx_struct_oper_list.matrix[3][1]         0.0000000000 
_pdbx_struct_oper_list.matrix[3][2]         0.0000000000 
_pdbx_struct_oper_list.matrix[3][3]         1.0000000000 
_pdbx_struct_oper_list.vector[3]            0.0000000000 
# 
loop_
_struct_conn.id 
_struct_conn.conn_type_id 
_struct_conn.pdbx_leaving_atom_flag 
_struct_conn.pdbx_PDB_id 
_struct_conn.ptnr1_label_asym_id 
_struct_conn.ptnr1_label_comp_id 
_struct_conn.ptnr1_label_seq_id 
_struct_conn.ptnr1_label_atom_id 
_struct_conn.pdbx_ptnr1_label_alt_id 
_struct_conn.pdbx_ptnr1_PDB_ins_code 
_struct_conn.pdbx_ptnr1_standard_comp_id 
_struct_conn.ptnr1_symmetry 
_struct_conn.ptnr2_label_asym_id 
_struct_conn.ptnr2_label_comp_id 
_struct_conn.ptnr2_label_seq_id 
_struct_conn.ptnr2_label_atom_id 
_struct_conn.pdbx_ptnr2_label_alt_id 
_struct_conn.pdbx_ptnr2_PDB_ins_code 
_struct_conn.ptnr1_auth_asym_id 
_struct_conn.ptnr1_auth_comp_id 
_struct_conn.ptnr1_auth_seq_id 
_struct_conn.ptnr2_auth_asym_id 
_struct_conn.ptnr2_auth_comp_id 
_struct_conn.ptnr2_auth_seq_id 
_struct_conn.ptnr2_symmetry 
_struct_conn.pdbx_ptnr3_label_atom_id 
_struct_conn.pdbx_ptnr3_label_seq_id 
_struct_conn.pdbx_ptnr3_label_comp_id 
_struct_conn.pdbx_ptnr3_label_asym_id 
_struct_conn.pdbx_ptnr3_label_alt_id 
_struct_conn.pdbx_ptnr3_PDB_ins_code 
_struct_conn.details 
_struct_conn.pdbx_dist_value 
_struct_conn.pdbx_value_order 
_struct_conn.pdbx_role 
covale1 covale both ? A PRO 1 C ? ? ? 1_555 A DGL 2 N ? ? A PRO 1 A DGL 2 1_555 ? ? ? ? ? ? ? 1.339 ? ? 
covale2 covale both ? A DGL 2 C ? ? ? 1_555 A VAL 3 N ? ? A DGL 2 A VAL 3 1_555 ? ? ? ? ? ? ? 1.345 ? ? 
covale3 covale both ? A VAL 3 C ? ? ? 1_555 A DLY 4 N ? ? A VAL 3 A DLY 4 1_555 ? ? ? ? ? ? ? 1.335 ? ? 
covale4 covale both ? A DLY 4 C ? ? ? 1_555 A DPR 5 N ? ? A DLY 4 A DPR 5 1_555 ? ? ? ? ? ? ? 1.334 ? ? 
covale5 covale both ? A DPR 5 C ? ? ? 1_555 A GLU 6 N ? ? A DPR 5 A GLU 6 1_555 ? ? ? ? ? ? ? 1.346 ? ? 
covale6 covale both ? A GLU 6 C ? ? ? 1_555 A DVA 7 N ? ? A GLU 6 A DVA 7 1_555 ? ? ? ? ? ? ? 1.326 ? ? 
covale7 covale both ? A DVA 7 C ? ? ? 1_555 A LYS 8 N ? ? A DVA 7 A LYS 8 1_555 ? ? ? ? ? ? ? 1.324 ? ? 
# 
_struct_conn_type.id          covale 
_struct_conn_type.criteria    ? 
_struct_conn_type.reference   ? 
# 
_pdbx_entry_details.entry_id                   6UCX 
_pdbx_entry_details.has_ligand_of_interest     N 
_pdbx_entry_details.compound_details           ? 
_pdbx_entry_details.source_details             ? 
_pdbx_entry_details.nonpolymer_details         ? 
_pdbx_entry_details.sequence_details           ? 
_pdbx_entry_details.has_protein_modification   N 
# 
_pdbx_validate_close_contact.id               1 
_pdbx_validate_close_contact.PDB_model_num    1 
_pdbx_validate_close_contact.auth_atom_id_1   N 
_pdbx_validate_close_contact.auth_asym_id_1   A 
_pdbx_validate_close_contact.auth_comp_id_1   PRO 
_pdbx_validate_close_contact.auth_seq_id_1    1 
_pdbx_validate_close_contact.PDB_ins_code_1   ? 
_pdbx_validate_close_contact.label_alt_id_1   ? 
_pdbx_validate_close_contact.auth_atom_id_2   C 
_pdbx_validate_close_contact.auth_asym_id_2   A 
_pdbx_validate_close_contact.auth_comp_id_2   LYS 
_pdbx_validate_close_contact.auth_seq_id_2    8 
_pdbx_validate_close_contact.PDB_ins_code_2   ? 
_pdbx_validate_close_contact.label_alt_id_2   ? 
_pdbx_validate_close_contact.dist             1.33 
# 
_pdbx_validate_torsion.id              1 
_pdbx_validate_torsion.PDB_model_num   1 
_pdbx_validate_torsion.auth_comp_id    DVA 
_pdbx_validate_torsion.auth_asym_id    A 
_pdbx_validate_torsion.auth_seq_id     7 
_pdbx_validate_torsion.PDB_ins_code    ? 
_pdbx_validate_torsion.label_alt_id    ? 
_pdbx_validate_torsion.phi             122.20 
_pdbx_validate_torsion.psi             59.94 
# 
loop_
_chem_comp_atom.comp_id 
_chem_comp_atom.atom_id 
_chem_comp_atom.type_symbol 
_chem_comp_atom.pdbx_aromatic_flag 
_chem_comp_atom.pdbx_stereo_config 
_chem_comp_atom.pdbx_ordinal 
DGL N    N N N 1   
DGL CA   C N R 2   
DGL C    C N N 3   
DGL O    O N N 4   
DGL CB   C N N 5   
DGL CG   C N N 6   
DGL CD   C N N 7   
DGL OE1  O N N 8   
DGL OE2  O N N 9   
DGL OXT  O N N 10  
DGL H    H N N 11  
DGL H2   H N N 12  
DGL HA   H N N 13  
DGL HB2  H N N 14  
DGL HB3  H N N 15  
DGL HG2  H N N 16  
DGL HG3  H N N 17  
DGL HE2  H N N 18  
DGL HXT  H N N 19  
DLY N    N N N 20  
DLY CA   C N R 21  
DLY C    C N N 22  
DLY O    O N N 23  
DLY CB   C N N 24  
DLY CG   C N N 25  
DLY CD   C N N 26  
DLY CE   C N N 27  
DLY NZ   N N N 28  
DLY OXT  O N N 29  
DLY H    H N N 30  
DLY H2   H N N 31  
DLY HA   H N N 32  
DLY HB2  H N N 33  
DLY HB3  H N N 34  
DLY HG2  H N N 35  
DLY HG3  H N N 36  
DLY HD2  H N N 37  
DLY HD3  H N N 38  
DLY HE2  H N N 39  
DLY HE3  H N N 40  
DLY HZ1  H N N 41  
DLY HZ2  H N N 42  
DLY HXT  H N N 43  
DPR N    N N N 44  
DPR CA   C N R 45  
DPR CB   C N N 46  
DPR CG   C N N 47  
DPR CD   C N N 48  
DPR C    C N N 49  
DPR O    O N N 50  
DPR OXT  O N N 51  
DPR H    H N N 52  
DPR HA   H N N 53  
DPR HB2  H N N 54  
DPR HB3  H N N 55  
DPR HG2  H N N 56  
DPR HG3  H N N 57  
DPR HD2  H N N 58  
DPR HD3  H N N 59  
DPR HXT  H N N 60  
DVA N    N N N 61  
DVA CA   C N R 62  
DVA CB   C N N 63  
DVA CG1  C N N 64  
DVA CG2  C N N 65  
DVA C    C N N 66  
DVA O    O N N 67  
DVA OXT  O N N 68  
DVA H    H N N 69  
DVA H2   H N N 70  
DVA HA   H N N 71  
DVA HB   H N N 72  
DVA HG11 H N N 73  
DVA HG12 H N N 74  
DVA HG13 H N N 75  
DVA HG21 H N N 76  
DVA HG22 H N N 77  
DVA HG23 H N N 78  
DVA HXT  H N N 79  
GLU N    N N N 80  
GLU CA   C N S 81  
GLU C    C N N 82  
GLU O    O N N 83  
GLU CB   C N N 84  
GLU CG   C N N 85  
GLU CD   C N N 86  
GLU OE1  O N N 87  
GLU OE2  O N N 88  
GLU OXT  O N N 89  
GLU H    H N N 90  
GLU H2   H N N 91  
GLU HA   H N N 92  
GLU HB2  H N N 93  
GLU HB3  H N N 94  
GLU HG2  H N N 95  
GLU HG3  H N N 96  
GLU HE2  H N N 97  
GLU HXT  H N N 98  
HOH O    O N N 99  
HOH H1   H N N 100 
HOH H2   H N N 101 
LYS N    N N N 102 
LYS CA   C N S 103 
LYS C    C N N 104 
LYS O    O N N 105 
LYS CB   C N N 106 
LYS CG   C N N 107 
LYS CD   C N N 108 
LYS CE   C N N 109 
LYS NZ   N N N 110 
LYS OXT  O N N 111 
LYS H    H N N 112 
LYS H2   H N N 113 
LYS HA   H N N 114 
LYS HB2  H N N 115 
LYS HB3  H N N 116 
LYS HG2  H N N 117 
LYS HG3  H N N 118 
LYS HD2  H N N 119 
LYS HD3  H N N 120 
LYS HE2  H N N 121 
LYS HE3  H N N 122 
LYS HZ1  H N N 123 
LYS HZ2  H N N 124 
LYS HZ3  H N N 125 
LYS HXT  H N N 126 
PRO N    N N N 127 
PRO CA   C N S 128 
PRO C    C N N 129 
PRO O    O N N 130 
PRO CB   C N N 131 
PRO CG   C N N 132 
PRO CD   C N N 133 
PRO OXT  O N N 134 
PRO H    H N N 135 
PRO HA   H N N 136 
PRO HB2  H N N 137 
PRO HB3  H N N 138 
PRO HG2  H N N 139 
PRO HG3  H N N 140 
PRO HD2  H N N 141 
PRO HD3  H N N 142 
PRO HXT  H N N 143 
TFA C1   C N N 144 
TFA C2   C N N 145 
TFA O    O N N 146 
TFA F1   F N N 147 
TFA F2   F N N 148 
TFA F3   F N N 149 
TFA OXT  O N N 150 
TFA HXT  H N N 151 
VAL N    N N N 152 
VAL CA   C N S 153 
VAL C    C N N 154 
VAL O    O N N 155 
VAL CB   C N N 156 
VAL CG1  C N N 157 
VAL CG2  C N N 158 
VAL OXT  O N N 159 
VAL H    H N N 160 
VAL H2   H N N 161 
VAL HA   H N N 162 
VAL HB   H N N 163 
VAL HG11 H N N 164 
VAL HG12 H N N 165 
VAL HG13 H N N 166 
VAL HG21 H N N 167 
VAL HG22 H N N 168 
VAL HG23 H N N 169 
VAL HXT  H N N 170 
# 
loop_
_chem_comp_bond.comp_id 
_chem_comp_bond.atom_id_1 
_chem_comp_bond.atom_id_2 
_chem_comp_bond.value_order 
_chem_comp_bond.pdbx_aromatic_flag 
_chem_comp_bond.pdbx_stereo_config 
_chem_comp_bond.pdbx_ordinal 
DGL N   CA   sing N N 1   
DGL N   H    sing N N 2   
DGL N   H2   sing N N 3   
DGL CA  C    sing N N 4   
DGL CA  CB   sing N N 5   
DGL CA  HA   sing N N 6   
DGL C   O    doub N N 7   
DGL C   OXT  sing N N 8   
DGL CB  CG   sing N N 9   
DGL CB  HB2  sing N N 10  
DGL CB  HB3  sing N N 11  
DGL CG  CD   sing N N 12  
DGL CG  HG2  sing N N 13  
DGL CG  HG3  sing N N 14  
DGL CD  OE1  doub N N 15  
DGL CD  OE2  sing N N 16  
DGL OE2 HE2  sing N N 17  
DGL OXT HXT  sing N N 18  
DLY N   CA   sing N N 19  
DLY N   H    sing N N 20  
DLY N   H2   sing N N 21  
DLY CA  C    sing N N 22  
DLY CA  CB   sing N N 23  
DLY CA  HA   sing N N 24  
DLY C   O    doub N N 25  
DLY C   OXT  sing N N 26  
DLY CB  CG   sing N N 27  
DLY CB  HB2  sing N N 28  
DLY CB  HB3  sing N N 29  
DLY CG  CD   sing N N 30  
DLY CG  HG2  sing N N 31  
DLY CG  HG3  sing N N 32  
DLY CD  CE   sing N N 33  
DLY CD  HD2  sing N N 34  
DLY CD  HD3  sing N N 35  
DLY CE  NZ   sing N N 36  
DLY CE  HE2  sing N N 37  
DLY CE  HE3  sing N N 38  
DLY NZ  HZ1  sing N N 39  
DLY NZ  HZ2  sing N N 40  
DLY OXT HXT  sing N N 41  
DPR N   CA   sing N N 42  
DPR N   CD   sing N N 43  
DPR N   H    sing N N 44  
DPR CA  CB   sing N N 45  
DPR CA  C    sing N N 46  
DPR CA  HA   sing N N 47  
DPR CB  CG   sing N N 48  
DPR CB  HB2  sing N N 49  
DPR CB  HB3  sing N N 50  
DPR CG  CD   sing N N 51  
DPR CG  HG2  sing N N 52  
DPR CG  HG3  sing N N 53  
DPR CD  HD2  sing N N 54  
DPR CD  HD3  sing N N 55  
DPR C   O    doub N N 56  
DPR C   OXT  sing N N 57  
DPR OXT HXT  sing N N 58  
DVA N   CA   sing N N 59  
DVA N   H    sing N N 60  
DVA N   H2   sing N N 61  
DVA CA  CB   sing N N 62  
DVA CA  C    sing N N 63  
DVA CA  HA   sing N N 64  
DVA CB  CG1  sing N N 65  
DVA CB  CG2  sing N N 66  
DVA CB  HB   sing N N 67  
DVA CG1 HG11 sing N N 68  
DVA CG1 HG12 sing N N 69  
DVA CG1 HG13 sing N N 70  
DVA CG2 HG21 sing N N 71  
DVA CG2 HG22 sing N N 72  
DVA CG2 HG23 sing N N 73  
DVA C   O    doub N N 74  
DVA C   OXT  sing N N 75  
DVA OXT HXT  sing N N 76  
GLU N   CA   sing N N 77  
GLU N   H    sing N N 78  
GLU N   H2   sing N N 79  
GLU CA  C    sing N N 80  
GLU CA  CB   sing N N 81  
GLU CA  HA   sing N N 82  
GLU C   O    doub N N 83  
GLU C   OXT  sing N N 84  
GLU CB  CG   sing N N 85  
GLU CB  HB2  sing N N 86  
GLU CB  HB3  sing N N 87  
GLU CG  CD   sing N N 88  
GLU CG  HG2  sing N N 89  
GLU CG  HG3  sing N N 90  
GLU CD  OE1  doub N N 91  
GLU CD  OE2  sing N N 92  
GLU OE2 HE2  sing N N 93  
GLU OXT HXT  sing N N 94  
HOH O   H1   sing N N 95  
HOH O   H2   sing N N 96  
LYS N   CA   sing N N 97  
LYS N   H    sing N N 98  
LYS N   H2   sing N N 99  
LYS CA  C    sing N N 100 
LYS CA  CB   sing N N 101 
LYS CA  HA   sing N N 102 
LYS C   O    doub N N 103 
LYS C   OXT  sing N N 104 
LYS CB  CG   sing N N 105 
LYS CB  HB2  sing N N 106 
LYS CB  HB3  sing N N 107 
LYS CG  CD   sing N N 108 
LYS CG  HG2  sing N N 109 
LYS CG  HG3  sing N N 110 
LYS CD  CE   sing N N 111 
LYS CD  HD2  sing N N 112 
LYS CD  HD3  sing N N 113 
LYS CE  NZ   sing N N 114 
LYS CE  HE2  sing N N 115 
LYS CE  HE3  sing N N 116 
LYS NZ  HZ1  sing N N 117 
LYS NZ  HZ2  sing N N 118 
LYS NZ  HZ3  sing N N 119 
LYS OXT HXT  sing N N 120 
PRO N   CA   sing N N 121 
PRO N   CD   sing N N 122 
PRO N   H    sing N N 123 
PRO CA  C    sing N N 124 
PRO CA  CB   sing N N 125 
PRO CA  HA   sing N N 126 
PRO C   O    doub N N 127 
PRO C   OXT  sing N N 128 
PRO CB  CG   sing N N 129 
PRO CB  HB2  sing N N 130 
PRO CB  HB3  sing N N 131 
PRO CG  CD   sing N N 132 
PRO CG  HG2  sing N N 133 
PRO CG  HG3  sing N N 134 
PRO CD  HD2  sing N N 135 
PRO CD  HD3  sing N N 136 
PRO OXT HXT  sing N N 137 
TFA C1  C2   sing N N 138 
TFA C1  O    doub N N 139 
TFA C1  OXT  sing N N 140 
TFA C2  F1   sing N N 141 
TFA C2  F2   sing N N 142 
TFA C2  F3   sing N N 143 
TFA OXT HXT  sing N N 144 
VAL N   CA   sing N N 145 
VAL N   H    sing N N 146 
VAL N   H2   sing N N 147 
VAL CA  C    sing N N 148 
VAL CA  CB   sing N N 149 
VAL CA  HA   sing N N 150 
VAL C   O    doub N N 151 
VAL C   OXT  sing N N 152 
VAL CB  CG1  sing N N 153 
VAL CB  CG2  sing N N 154 
VAL CB  HB   sing N N 155 
VAL CG1 HG11 sing N N 156 
VAL CG1 HG12 sing N N 157 
VAL CG1 HG13 sing N N 158 
VAL CG2 HG21 sing N N 159 
VAL CG2 HG22 sing N N 160 
VAL CG2 HG23 sing N N 161 
VAL OXT HXT  sing N N 162 
# 
loop_
_pdbx_audit_support.funding_organization 
_pdbx_audit_support.country 
_pdbx_audit_support.grant_number 
_pdbx_audit_support.ordinal 
'Department of Energy (DOE, United States)' 'United States' DE-FC02-02ER63421 1 
'Department of Energy (DOE, United States)' 'United States' DE-AC02-06CH11357 2 
# 
_atom_sites.entry_id                    6UCX 
_atom_sites.fract_transf_matrix[1][1]   0.07878795 
_atom_sites.fract_transf_matrix[1][2]   0.00132831 
_atom_sites.fract_transf_matrix[1][3]   -0.01198951 
_atom_sites.fract_transf_matrix[2][1]   -0.00269791 
_atom_sites.fract_transf_matrix[2][2]   0.03018492 
_atom_sites.fract_transf_matrix[2][3]   -0.01438492 
_atom_sites.fract_transf_matrix[3][1]   0.01316920 
_atom_sites.fract_transf_matrix[3][2]   0.02864982 
_atom_sites.fract_transf_matrix[3][3]   0.05764808 
_atom_sites.fract_transf_vector[1]      0.308777 
_atom_sites.fract_transf_vector[2]      0.370839 
_atom_sites.fract_transf_vector[3]      0.252122 
# 
loop_
_atom_type.symbol 
C 
F 
H 
N 
O 
# 
loop_
_atom_site.group_PDB 
_atom_site.id 
_atom_site.type_symbol 
_atom_site.label_atom_id 
_atom_site.label_alt_id 
_atom_site.label_comp_id 
_atom_site.label_asym_id 
_atom_site.label_entity_id 
_atom_site.label_seq_id 
_atom_site.pdbx_PDB_ins_code 
_atom_site.Cartn_x 
_atom_site.Cartn_y 
_atom_site.Cartn_z 
_atom_site.occupancy 
_atom_site.B_iso_or_equiv 
_atom_site.pdbx_formal_charge 
_atom_site.auth_seq_id 
_atom_site.auth_comp_id 
_atom_site.auth_asym_id 
_atom_site.auth_atom_id 
_atom_site.pdbx_PDB_model_num 
ATOM   1   N N    . PRO A 1 1 ? -2.769 1.096  3.637  1.00 3.82  ? 1   PRO A N    1 
ATOM   2   C CA   . PRO A 1 1 ? -3.637 -0.047 3.909  1.00 3.87  ? 1   PRO A CA   1 
ATOM   3   C C    . PRO A 1 1 ? -4.368 -0.467 2.653  1.00 3.78  ? 1   PRO A C    1 
ATOM   4   O O    . PRO A 1 1 ? -4.776 0.375  1.839  1.00 4.02  ? 1   PRO A O    1 
ATOM   5   C CB   . PRO A 1 1 ? -4.598 0.473  4.980  1.00 4.77  ? 1   PRO A CB   1 
ATOM   6   C CG   . PRO A 1 1 ? -3.821 1.577  5.650  1.00 5.62  ? 1   PRO A CG   1 
ATOM   7   C CD   . PRO A 1 1 ? -3.099 2.245  4.500  1.00 5.22  ? 1   PRO A CD   1 
ATOM   8   H HA   . PRO A 1 1 ? -3.110 -0.795 4.261  1.00 4.64  ? 1   PRO A HA   1 
ATOM   9   H HB2  . PRO A 1 1 ? -5.413 0.816  4.580  1.00 5.72  ? 1   PRO A HB2  1 
ATOM   10  H HB3  . PRO A 1 1 ? -4.825 -0.225 5.613  1.00 5.72  ? 1   PRO A HB3  1 
ATOM   11  H HG2  . PRO A 1 1 ? -4.415 2.199  6.098  1.00 6.74  ? 1   PRO A HG2  1 
ATOM   12  H HG3  . PRO A 1 1 ? -3.192 1.218  6.296  1.00 6.74  ? 1   PRO A HG3  1 
ATOM   13  H HD2  . PRO A 1 1 ? -3.674 2.878  4.042  1.00 6.27  ? 1   PRO A HD2  1 
ATOM   14  H HD3  . PRO A 1 1 ? -2.298 2.701  4.803  1.00 6.27  ? 1   PRO A HD3  1 
HETATM 15  N N    . DGL A 1 2 ? -4.599 -1.780 2.531  1.00 3.81  ? 2   DGL A N    1 
HETATM 16  C CA   . DGL A 1 2 ? -5.443 -2.323 1.453  1.00 3.92  ? 2   DGL A CA   1 
HETATM 17  C C    . DGL A 1 2 ? -4.665 -2.471 0.158  1.00 3.93  ? 2   DGL A C    1 
HETATM 18  O O    . DGL A 1 2 ? -4.457 -3.552 -0.397 1.00 4.77  ? 2   DGL A O    1 
HETATM 19  C CB   . DGL A 1 2 ? -6.082 -3.624 1.896  1.00 4.21  ? 2   DGL A CB   1 
HETATM 20  C CG   . DGL A 1 2 ? -7.118 -3.417 2.983  1.00 4.81  ? 2   DGL A CG   1 
HETATM 21  C CD   . DGL A 1 2 ? -7.853 -4.668 3.360  1.00 4.59  ? 2   DGL A CD   1 
HETATM 22  O OE1  . DGL A 1 2 ? -7.561 -5.778 2.960  1.00 5.56  ? 2   DGL A OE1  1 
HETATM 23  O OE2  . DGL A 1 2 ? -8.865 -4.443 4.167  1.00 5.09  ? 2   DGL A OE2  1 
HETATM 24  H H    . DGL A 1 2 ? -4.245 -2.322 3.098  1.00 4.57  ? 2   DGL A H    1 
HETATM 25  H HA   . DGL A 1 2 ? -6.165 -1.680 1.293  1.00 4.70  ? 2   DGL A HA   1 
HETATM 26  H HB2  . DGL A 1 2 ? -5.392 -4.222 2.223  1.00 5.05  ? 2   DGL A HB2  1 
HETATM 27  H HB3  . DGL A 1 2 ? -6.503 -4.047 1.131  1.00 5.05  ? 2   DGL A HB3  1 
HETATM 28  H HG2  . DGL A 1 2 ? -7.760 -2.755 2.683  1.00 5.77  ? 2   DGL A HG2  1 
HETATM 29  H HG3  . DGL A 1 2 ? -6.678 -3.063 3.772  1.00 5.77  ? 2   DGL A HG3  1 
HETATM 30  H HE2  . DGL A 1 2 ? -9.284 -5.141 4.374  1.00 10.43 ? 2   DGL A HE2  1 
ATOM   31  N N    . VAL A 1 3 ? -4.216 -1.309 -0.351 1.00 4.07  ? 3   VAL A N    1 
ATOM   32  C CA   A VAL A 1 3 ? -3.492 -1.138 -1.599 0.50 4.34  ? 3   VAL A CA   1 
ATOM   33  C CA   B VAL A 1 3 ? -3.563 -1.293 -1.655 0.50 4.24  ? 3   VAL A CA   1 
ATOM   34  C C    . VAL A 1 3 ? -2.133 -1.816 -1.588 1.00 4.12  ? 3   VAL A C    1 
ATOM   35  O O    . VAL A 1 3 ? -1.668 -2.374 -2.591 1.00 4.84  ? 3   VAL A O    1 
ATOM   36  C CB   A VAL A 1 3 ? -3.490 0.404  -1.857 0.50 4.81  ? 3   VAL A CB   1 
ATOM   37  C CB   B VAL A 1 3 ? -3.478 0.104  -2.322 0.50 4.55  ? 3   VAL A CB   1 
ATOM   38  C CG1  A VAL A 1 3 ? -2.503 0.741  -2.953 0.50 6.71  ? 3   VAL A CG1  1 
ATOM   39  C CG1  B VAL A 1 3 ? -4.866 0.717  -2.549 0.50 5.37  ? 3   VAL A CG1  1 
ATOM   40  C CG2  A VAL A 1 3 ? -4.940 0.834  -2.222 0.50 10.94 ? 3   VAL A CG2  1 
ATOM   41  C CG2  B VAL A 1 3 ? -2.735 1.094  -1.479 0.50 5.26  ? 3   VAL A CG2  1 
ATOM   42  H H    A VAL A 1 3 ? -4.373 -0.600 0.107  1.00 4.88  ? 3   VAL A H    1 
ATOM   43  H HA   A VAL A 1 3 ? -4.025 -1.556 -2.308 0.50 5.21  ? 3   VAL A HA   1 
ATOM   44  H HA   B VAL A 1 3 ? -4.070 -1.881 -2.254 0.50 5.09  ? 3   VAL A HA   1 
ATOM   45  H HB   A VAL A 1 3 ? -3.220 0.862  -1.035 0.50 5.78  ? 3   VAL A HB   1 
ATOM   46  H HB   B VAL A 1 3 ? -3.022 0.017  -3.186 0.50 5.46  ? 3   VAL A HB   1 
ATOM   47  H HG11 A VAL A 1 3 ? -1.623 0.460  -2.689 0.50 10.06 ? 3   VAL A HG11 1 
ATOM   48  H HG11 B VAL A 1 3 ? -5.394 0.123  -3.088 0.50 8.05  ? 3   VAL A HG11 1 
ATOM   49  H HG12 A VAL A 1 3 ? -2.755 0.289  -3.761 0.50 10.06 ? 3   VAL A HG12 1 
ATOM   50  H HG12 B VAL A 1 3 ? -5.299 0.850  -1.703 0.50 8.05  ? 3   VAL A HG12 1 
ATOM   51  H HG13 A VAL A 1 3 ? -2.503 1.690  -3.103 0.50 10.06 ? 3   VAL A HG13 1 
ATOM   52  H HG13 B VAL A 1 3 ? -4.773 1.560  -2.998 0.50 8.05  ? 3   VAL A HG13 1 
ATOM   53  H HG21 A VAL A 1 3 ? -5.533 0.603  -1.503 0.50 16.41 ? 3   VAL A HG21 1 
ATOM   54  H HG21 B VAL A 1 3 ? -1.851 0.764  -1.302 0.50 7.90  ? 3   VAL A HG21 1 
ATOM   55  H HG22 A VAL A 1 3 ? -4.965 1.784  -2.365 0.50 16.41 ? 3   VAL A HG22 1 
ATOM   56  H HG22 B VAL A 1 3 ? -2.676 1.931  -1.945 0.50 7.90  ? 3   VAL A HG22 1 
ATOM   57  H HG23 A VAL A 1 3 ? -5.216 0.383  -3.023 0.50 16.41 ? 3   VAL A HG23 1 
ATOM   58  H HG23 B VAL A 1 3 ? -3.202 1.221  -0.649 0.50 7.90  ? 3   VAL A HG23 1 
HETATM 59  N N    . DLY A 1 4 ? -1.412 -1.673 -0.474 1.00 3.92  ? 4   DLY A N    1 
HETATM 60  C CA   . DLY A 1 4 ? -0.052 -2.155 -0.409 1.00 3.97  ? 4   DLY A CA   1 
HETATM 61  C C    . DLY A 1 4 ? 0.887  -1.062 -0.927 1.00 3.77  ? 4   DLY A C    1 
HETATM 62  O O    . DLY A 1 4 ? 0.955  0.037  -0.361 1.00 3.88  ? 4   DLY A O    1 
HETATM 63  C CB   . DLY A 1 4 ? 0.323  -2.570 1.024  1.00 3.94  ? 4   DLY A CB   1 
HETATM 64  C CG   . DLY A 1 4 ? -0.468 -3.795 1.468  1.00 4.33  ? 4   DLY A CG   1 
HETATM 65  C CD   . DLY A 1 4 ? -0.153 -4.235 2.881  1.00 4.13  ? 4   DLY A CD   1 
HETATM 66  C CE   . DLY A 1 4 ? -0.934 -5.470 3.251  1.00 4.73  ? 4   DLY A CE   1 
HETATM 67  N NZ   . DLY A 1 4 ? -0.675 -5.914 4.647  1.00 4.77  ? 4   DLY A NZ   1 
HETATM 68  H H    . DLY A 1 4 ? -1.761 -1.289 0.212  1.00 4.71  ? 4   DLY A H    1 
HETATM 69  H HA   . DLY A 1 4 ? 0.029  -2.938 -0.992 1.00 4.76  ? 4   DLY A HA   1 
HETATM 70  H HB2  . DLY A 1 4 ? 0.143  -1.835 1.629  1.00 4.73  ? 4   DLY A HB2  1 
HETATM 71  H HB3  . DLY A 1 4 ? 1.271  -2.768 1.063  1.00 4.73  ? 4   DLY A HB3  1 
HETATM 72  H HG2  . DLY A 1 4 ? -1.415 -3.598 1.404  1.00 5.19  ? 4   DLY A HG2  1 
HETATM 73  H HG3  . DLY A 1 4 ? -0.279 -4.528 0.862  1.00 5.19  ? 4   DLY A HG3  1 
HETATM 74  H HD2  . DLY A 1 4 ? -0.371 -3.519 3.499  1.00 4.95  ? 4   DLY A HD2  1 
HETATM 75  H HD3  . DLY A 1 4 ? 0.796  -4.418 2.959  1.00 4.95  ? 4   DLY A HD3  1 
HETATM 76  H HE2  . DLY A 1 4 ? -0.700 -6.186 2.641  1.00 5.67  ? 4   DLY A HE2  1 
HETATM 77  H HE3  . DLY A 1 4 ? -1.881 -5.289 3.146  1.00 5.67  ? 4   DLY A HE3  1 
HETATM 78  H HZ1  . DLY A 1 4 ? -1.155 -6.643 4.820  1.00 7.16  ? 4   DLY A HZ1  1 
HETATM 79  H HZ2  . DLY A 1 4 ? 0.190  -6.099 4.744  1.00 7.16  ? 4   DLY A HZ2  1 
HETATM 80  N N    . DPR A 1 5 ? 1.617  -1.336 -2.010 1.00 4.07  ? 5   DPR A N    1 
HETATM 81  C CA   A DPR A 1 5 ? 2.493  -0.324 -2.585 0.50 4.39  ? 5   DPR A CA   1 
HETATM 82  C CA   B DPR A 1 5 ? 2.496  -0.319 -2.596 0.50 4.85  ? 5   DPR A CA   1 
HETATM 83  C CB   A DPR A 1 5 ? 3.097  -1.080 -3.778 0.50 6.65  ? 5   DPR A CB   1 
HETATM 84  C CB   B DPR A 1 5 ? 3.132  -0.974 -3.841 0.50 7.18  ? 5   DPR A CB   1 
HETATM 85  C CG   A DPR A 1 5 ? 3.061  -2.469 -3.445 0.50 4.33  ? 5   DPR A CG   1 
HETATM 86  C CG   B DPR A 1 5 ? 2.447  -2.233 -3.994 0.50 7.86  ? 5   DPR A CG   1 
HETATM 87  C CD   A DPR A 1 5 ? 1.818  -2.660 -2.644 0.50 3.72  ? 5   DPR A CD   1 
HETATM 88  C CD   B DPR A 1 5 ? 1.620  -2.582 -2.804 0.50 5.49  ? 5   DPR A CD   1 
HETATM 89  C C    . DPR A 1 5 ? 3.535  0.115  -1.586 1.00 4.24  ? 5   DPR A C    1 
HETATM 90  O O    . DPR A 1 5 ? 4.102  -0.693 -0.866 1.00 4.93  ? 5   DPR A O    1 
HETATM 91  H HA   A DPR A 1 5 ? 1.971  0.445  -2.896 0.50 5.27  ? 5   DPR A HA   1 
HETATM 92  H HA   B DPR A 1 5 ? 1.963  0.456  -2.871 0.50 5.82  ? 5   DPR A HA   1 
HETATM 93  H HB2  A DPR A 1 5 ? 4.011  -0.792 -3.932 0.50 7.98  ? 5   DPR A HB2  1 
HETATM 94  H HB2  B DPR A 1 5 ? 4.083  -1.115 -3.707 0.50 8.62  ? 5   DPR A HB2  1 
HETATM 95  H HB3  A DPR A 1 5 ? 2.580  -0.911 -4.581 0.50 7.98  ? 5   DPR A HB3  1 
HETATM 96  H HB3  B DPR A 1 5 ? 3.005  -0.417 -4.625 0.50 8.62  ? 5   DPR A HB3  1 
HETATM 97  H HG2  A DPR A 1 5 ? 3.036  -3.012 -4.250 0.50 5.19  ? 5   DPR A HG2  1 
HETATM 98  H HG2  B DPR A 1 5 ? 1.876  -2.190 -4.776 0.50 9.43  ? 5   DPR A HG2  1 
HETATM 99  H HG3  A DPR A 1 5 ? 3.843  -2.716 -2.928 0.50 5.19  ? 5   DPR A HG3  1 
HETATM 100 H HG3  B DPR A 1 5 ? 3.102  -2.934 -4.141 0.50 9.43  ? 5   DPR A HG3  1 
HETATM 101 H HD2  A DPR A 1 5 ? 1.937  -3.352 -1.976 0.50 4.46  ? 5   DPR A HD2  1 
HETATM 102 H HD2  B DPR A 1 5 ? 2.016  -3.314 -2.305 0.50 6.59  ? 5   DPR A HD2  1 
HETATM 103 H HD3  A DPR A 1 5 ? 1.068  -2.892 -3.212 0.50 4.46  ? 5   DPR A HD3  1 
HETATM 104 H HD3  B DPR A 1 5 ? 0.719  -2.831 -3.066 0.50 6.59  ? 5   DPR A HD3  1 
ATOM   105 N N    . GLU A 1 6 ? 3.777  1.439  -1.543 1.00 4.20  ? 6   GLU A N    1 
ATOM   106 C CA   A GLU A 1 6 ? 4.779  1.980  -0.658 0.80 4.33  ? 6   GLU A CA   1 
ATOM   107 C CA   B GLU A 1 6 ? 4.771  2.011  -0.661 0.20 4.56  ? 6   GLU A CA   1 
ATOM   108 C C    . GLU A 1 6 ? 4.279  2.149  0.770  1.00 4.34  ? 6   GLU A C    1 
ATOM   109 O O    . GLU A 1 6 ? 5.045  2.674  1.596  1.00 5.53  ? 6   GLU A O    1 
ATOM   110 C CB   A GLU A 1 6 ? 5.395  3.263  -1.231 0.80 4.24  ? 6   GLU A CB   1 
ATOM   111 C CB   B GLU A 1 6 ? 5.243  3.385  -1.169 0.20 7.74  ? 6   GLU A CB   1 
ATOM   112 C CG   A GLU A 1 6 ? 6.333  2.936  -2.365 0.80 4.32  ? 6   GLU A CG   1 
ATOM   113 C CG   B GLU A 1 6 ? 6.095  3.177  -2.383 0.20 12.67 ? 6   GLU A CG   1 
ATOM   114 C CD   A GLU A 1 6 ? 6.938  4.135  -3.066 0.80 4.01  ? 6   GLU A CD   1 
ATOM   115 C CD   B GLU A 1 6 ? 7.070  4.285  -2.668 0.20 8.90  ? 6   GLU A CD   1 
ATOM   116 O OE1  A GLU A 1 6 ? 6.331  5.134  -3.334 0.80 5.04  ? 6   GLU A OE1  1 
ATOM   117 O OE1  B GLU A 1 6 ? 7.696  4.782  -1.736 0.20 10.93 ? 6   GLU A OE1  1 
ATOM   118 O OE2  A GLU A 1 6 ? 8.174  3.924  -3.421 0.80 6.32  ? 6   GLU A OE2  1 
ATOM   119 O OE2  B GLU A 1 6 ? 7.234  4.585  -3.879 0.20 13.58 ? 6   GLU A OE2  1 
ATOM   120 H H    A GLU A 1 6 ? 3.328  1.970  -2.049 1.00 5.04  ? 6   GLU A H    1 
ATOM   121 H HA   A GLU A 1 6 ? 5.501  1.319  -0.621 0.80 5.20  ? 6   GLU A HA   1 
ATOM   122 H HA   B GLU A 1 6 ? 5.546  1.411  -0.654 0.20 5.48  ? 6   GLU A HA   1 
ATOM   123 H HB2  A GLU A 1 6 ? 4.691  3.848  -1.551 0.80 5.08  ? 6   GLU A HB2  1 
ATOM   124 H HB2  B GLU A 1 6 ? 4.477  3.937  -1.393 0.20 9.29  ? 6   GLU A HB2  1 
ATOM   125 H HB3  A GLU A 1 6 ? 5.881  3.730  -0.534 0.80 5.08  ? 6   GLU A HB3  1 
ATOM   126 H HB3  B GLU A 1 6 ? 5.754  3.835  -0.478 0.20 9.29  ? 6   GLU A HB3  1 
ATOM   127 H HG2  A GLU A 1 6 ? 7.053  2.384  -2.020 0.80 5.18  ? 6   GLU A HG2  1 
ATOM   128 H HG2  B GLU A 1 6 ? 6.592  2.350  -2.274 0.20 15.20 ? 6   GLU A HG2  1 
ATOM   129 H HG3  A GLU A 1 6 ? 5.849  2.408  -3.021 0.80 5.18  ? 6   GLU A HG3  1 
ATOM   130 H HG3  B GLU A 1 6 ? 5.515  3.071  -3.153 0.20 15.20 ? 6   GLU A HG3  1 
ATOM   131 H HE2  A GLU A 1 6 ? 8.615  4.444  -3.982 1.00 11.52 ? 6   GLU A HE2  1 
HETATM 132 N N    . DVA A 1 7 ? 3.107  1.614  1.087  1.00 4.22  ? 7   DVA A N    1 
HETATM 133 C CA   . DVA A 1 7 ? 2.668  1.377  2.460  1.00 4.15  ? 7   DVA A CA   1 
HETATM 134 C CB   . DVA A 1 7 ? 2.550  -0.127 2.741  1.00 4.50  ? 7   DVA A CB   1 
HETATM 135 C CG1  . DVA A 1 7 ? 3.908  -0.808 2.658  1.00 5.34  ? 7   DVA A CG1  1 
HETATM 136 C CG2  . DVA A 1 7 ? 1.873  -0.382 4.095  1.00 5.10  ? 7   DVA A CG2  1 
HETATM 137 C C    . DVA A 1 7 ? 1.367  2.094  2.751  1.00 4.10  ? 7   DVA A C    1 
HETATM 138 O O    . DVA A 1 7 ? 1.271  2.907  3.677  1.00 6.07  ? 7   DVA A O    1 
HETATM 139 H H    . DVA A 1 7 ? 2.576  1.395  0.447  1.00 5.07  ? 7   DVA A H    1 
HETATM 140 H HA   . DVA A 1 7 ? 3.351  1.741  3.059  1.00 4.98  ? 7   DVA A HA   1 
HETATM 141 H HB   . DVA A 1 7 ? 1.980  -0.516 2.046  1.00 5.40  ? 7   DVA A HB   1 
HETATM 142 H HG11 . DVA A 1 7 ? 4.304  -0.630 1.802  1.00 8.01  ? 7   DVA A HG11 1 
HETATM 143 H HG12 . DVA A 1 7 ? 4.479  -0.470 3.351  1.00 8.01  ? 7   DVA A HG12 1 
HETATM 144 H HG13 . DVA A 1 7 ? 3.798  -1.756 2.768  1.00 8.01  ? 7   DVA A HG13 1 
HETATM 145 H HG21 . DVA A 1 7 ? 1.021  0.060  4.114  1.00 7.66  ? 7   DVA A HG21 1 
HETATM 146 H HG22 . DVA A 1 7 ? 1.747  -1.326 4.215  1.00 7.66  ? 7   DVA A HG22 1 
HETATM 147 H HG23 . DVA A 1 7 ? 2.428  -0.041 4.799  1.00 7.66  ? 7   DVA A HG23 1 
ATOM   148 N N    . LYS A 1 8 ? 0.319  1.772  2.008  1.00 3.88  ? 8   LYS A N    1 
ATOM   149 C CA   . LYS A 1 8 ? -1.019 2.232  2.343  1.00 4.23  ? 8   LYS A CA   1 
ATOM   150 C C    . LYS A 1 8 ? -1.865 1.008  2.670  1.00 3.67  ? 8   LYS A C    1 
ATOM   151 O O    . LYS A 1 8 ? -1.708 -0.040 2.019  1.00 4.05  ? 8   LYS A O    1 
ATOM   152 C CB   . LYS A 1 8 ? -1.711 3.035  1.265  1.00 6.80  ? 8   LYS A CB   1 
ATOM   153 C CG   . LYS A 1 8 ? -0.838 4.149  0.682  1.00 6.29  ? 8   LYS A CG   1 
ATOM   154 C CD   . LYS A 1 8 ? -0.147 3.745  -0.577 1.00 6.92  ? 8   LYS A CD   1 
ATOM   155 C CE   . LYS A 1 8 ? 0.806  4.770  -1.154 1.00 6.81  ? 8   LYS A CE   1 
ATOM   156 N NZ   . LYS A 1 8 ? 0.091  6.023  -1.525 1.00 5.13  ? 8   LYS A NZ   1 
ATOM   157 H H    . LYS A 1 8 ? 0.432  1.280  1.311  1.00 4.65  ? 8   LYS A H    1 
ATOM   158 H HA   . LYS A 1 8 ? -0.960 2.787  3.149  1.00 5.07  ? 8   LYS A HA   1 
ATOM   159 H HB2  . LYS A 1 8 ? -1.977 2.437  0.549  1.00 8.17  ? 8   LYS A HB2  1 
ATOM   160 H HB3  . LYS A 1 8 ? -2.518 3.430  1.635  1.00 8.17  ? 8   LYS A HB3  1 
ATOM   161 H HG2  . LYS A 1 8 ? -1.393 4.924  0.503  1.00 7.55  ? 8   LYS A HG2  1 
ATOM   162 H HG3  . LYS A 1 8 ? -0.173 4.406  1.339  1.00 7.55  ? 8   LYS A HG3  1 
ATOM   163 H HD2  . LYS A 1 8 ? 0.348  2.929  -0.407 1.00 8.30  ? 8   LYS A HD2  1 
ATOM   164 H HD3  . LYS A 1 8 ? -0.820 3.543  -1.245 1.00 8.30  ? 8   LYS A HD3  1 
ATOM   165 H HE2  . LYS A 1 8 ? 1.494  4.973  -0.501 1.00 8.17  ? 8   LYS A HE2  1 
ATOM   166 H HE3  . LYS A 1 8 ? 1.238  4.401  -1.940 1.00 8.17  ? 8   LYS A HE3  1 
ATOM   167 H HZ1  . LYS A 1 8 ? 0.551  6.517  -2.130 1.00 6.08  ? 8   LYS A HZ1  1 
ATOM   168 H HZ2  . LYS A 1 8 ? -0.741 5.900  -1.905 1.00 6.08  ? 8   LYS A HZ2  1 
ATOM   169 H HZ3  . LYS A 1 8 ? -0.057 6.600  -0.823 1.00 6.08  ? 8   LYS A HZ3  1 
HETATM 170 C C1   A TFA B 2 . ? 6.197  -2.285 -7.784 0.45 2.92  ? 101 TFA A C1   1 
HETATM 171 C C1   B TFA B 2 . ? 6.069  -2.489 -7.772 0.45 5.57  ? 101 TFA A C1   1 
HETATM 172 C C2   A TFA B 2 . ? 5.146  -2.042 -6.702 0.45 3.27  ? 101 TFA A C2   1 
HETATM 173 C C2   B TFA B 2 . ? 5.122  -2.612 -6.589 0.45 5.89  ? 101 TFA A C2   1 
HETATM 174 O O    A TFA B 2 . ? 5.794  -2.149 -8.975 0.45 4.53  ? 101 TFA A O    1 
HETATM 175 O O    B TFA B 2 . ? 7.261  -2.763 -7.592 0.45 6.48  ? 101 TFA A O    1 
HETATM 176 F F1   A TFA B 2 . ? 4.110  -2.895 -6.849 0.45 6.44  ? 101 TFA A F1   1 
HETATM 177 F F1   B TFA B 2 . ? 5.591  -1.958 -5.537 0.45 15.32 ? 101 TFA A F1   1 
HETATM 178 F F2   A TFA B 2 . ? 5.579  -2.280 -5.466 0.45 4.00  ? 101 TFA A F2   1 
HETATM 179 F F2   B TFA B 2 . ? 3.925  -2.224 -6.847 0.45 9.38  ? 101 TFA A F2   1 
HETATM 180 F F3   A TFA B 2 . ? 4.658  -0.849 -6.714 0.45 5.58  ? 101 TFA A F3   1 
HETATM 181 F F3   B TFA B 2 . ? 5.090  -3.858 -6.153 0.45 11.74 ? 101 TFA A F3   1 
HETATM 182 O OXT  A TFA B 2 . ? 7.315  -2.534 -7.403 0.45 3.88  ? 101 TFA A OXT  1 
HETATM 183 O OXT  B TFA B 2 . ? 5.617  -2.042 -8.850 0.45 4.35  ? 101 TFA A OXT  1 
HETATM 184 C C1   A TFA C 2 . ? 0.249  -0.228 -6.708 0.40 4.78  ? 102 TFA A C1   1 
HETATM 185 C C1   B TFA C 2 . ? -0.054 -0.195 -6.637 0.50 4.44  ? 102 TFA A C1   1 
HETATM 186 C C2   A TFA C 2 . ? 0.006  0.861  -5.691 0.40 5.07  ? 102 TFA A C2   1 
HETATM 187 C C2   B TFA C 2 . ? -0.790 0.693  -5.656 0.50 5.61  ? 102 TFA A C2   1 
HETATM 188 O O    A TFA C 2 . ? 0.499  0.148  -7.858 0.40 5.12  ? 102 TFA A O    1 
HETATM 189 O O    B TFA C 2 . ? 0.427  0.338  -7.638 0.50 6.03  ? 102 TFA A O    1 
HETATM 190 F F1   A TFA C 2 . ? 0.819  1.872  -5.781 0.40 9.97  ? 102 TFA A F1   1 
HETATM 191 F F1   B TFA C 2 . ? -0.289 0.593  -4.434 0.50 6.14  ? 102 TFA A F1   1 
HETATM 192 F F2   A TFA C 2 . ? -1.224 1.379  -5.878 0.40 6.98  ? 102 TFA A F2   1 
HETATM 193 F F2   B TFA C 2 . ? -0.837 1.934  -6.006 0.50 9.55  ? 102 TFA A F2   1 
HETATM 194 F F3   A TFA C 2 . ? 0.094  0.401  -4.470 0.40 10.54 ? 102 TFA A F3   1 
HETATM 195 F F3   B TFA C 2 . ? -2.119 0.299  -5.575 0.50 5.96  ? 102 TFA A F3   1 
HETATM 196 O OXT  A TFA C 2 . ? 0.057  -1.400 -6.278 0.40 5.08  ? 102 TFA A OXT  1 
HETATM 197 O OXT  B TFA C 2 . ? 0.044  -1.399 -6.289 0.50 5.03  ? 102 TFA A OXT  1 
HETATM 198 O O    . HOH D 3 . ? -4.480 -4.639 -3.047 1.00 6.21  ? 201 HOH A O    1 
HETATM 199 H H1   . HOH D 3 . ? -4.248 -4.342 -2.328 1.00 7.73  ? 201 HOH A H1   1 
HETATM 200 H H2   . HOH D 3 . ? -4.749 -4.047 -3.566 1.00 10.71 ? 201 HOH A H2   1 
HETATM 201 O O    . HOH D 3 . ? 2.168  6.881  -3.381 1.00 4.68  ? 202 HOH A O    1 
HETATM 202 H H1   . HOH D 3 . ? 2.642  6.929  -2.686 1.00 6.98  ? 202 HOH A H1   1 
HETATM 203 H H2   . HOH D 3 . ? 2.601  6.367  -3.911 1.00 5.03  ? 202 HOH A H2   1 
# 
loop_
_atom_site_anisotrop.id 
_atom_site_anisotrop.type_symbol 
_atom_site_anisotrop.pdbx_label_atom_id 
_atom_site_anisotrop.pdbx_label_alt_id 
_atom_site_anisotrop.pdbx_label_comp_id 
_atom_site_anisotrop.pdbx_label_asym_id 
_atom_site_anisotrop.pdbx_label_seq_id 
_atom_site_anisotrop.pdbx_PDB_ins_code 
_atom_site_anisotrop.U[1][1] 
_atom_site_anisotrop.U[2][2] 
_atom_site_anisotrop.U[3][3] 
_atom_site_anisotrop.U[1][2] 
_atom_site_anisotrop.U[1][3] 
_atom_site_anisotrop.U[2][3] 
_atom_site_anisotrop.pdbx_auth_seq_id 
_atom_site_anisotrop.pdbx_auth_comp_id 
_atom_site_anisotrop.pdbx_auth_asym_id 
_atom_site_anisotrop.pdbx_auth_atom_id 
1   N N   . PRO A 1 ? 0.0411 0.0444 0.0509 -0.0008 0.0055  -0.0022 1   PRO A N   
2   C CA  . PRO A 1 ? 0.0444 0.0423 0.0515 -0.0007 0.0056  0.0039  1   PRO A CA  
3   C C   . PRO A 1 ? 0.0363 0.0473 0.0516 -0.0019 0.0068  0.0006  1   PRO A C   
4   O O   . PRO A 1 ? 0.0437 0.0437 0.0565 0.0003  -0.0003 0.0042  1   PRO A O   
5   C CB  . PRO A 1 ? 0.0566 0.0657 0.0481 0.0011  0.0099  0.0023  1   PRO A CB  
6   C CG  . PRO A 1 ? 0.0774 0.0667 0.0567 0.0009  0.0080  -0.0081 1   PRO A CG  
7   C CD  . PRO A 1 ? 0.0746 0.0505 0.0614 0.0005  0.0044  -0.0129 1   PRO A CD  
15  N N   . DGL A 2 ? 0.0424 0.0412 0.0526 -0.0021 0.0046  0.0047  2   DGL A N   
16  C CA  . DGL A 2 ? 0.0357 0.0429 0.0614 -0.0016 0.0034  -0.0015 2   DGL A CA  
17  C C   . DGL A 2 ? 0.0425 0.0463 0.0518 -0.0042 -0.0027 0.0027  2   DGL A C   
18  O O   . DGL A 2 ? 0.0643 0.0510 0.0552 -0.0051 0.0098  -0.0014 2   DGL A O   
19  C CB  . DGL A 2 ? 0.0454 0.0421 0.0627 -0.0050 0.0078  0.0003  2   DGL A CB  
20  C CG  . DGL A 2 ? 0.0542 0.0430 0.0747 -0.0043 0.0191  -0.0028 2   DGL A CG  
21  C CD  . DGL A 2 ? 0.0524 0.0492 0.0623 0.0014  0.0084  0.0005  2   DGL A CD  
22  O OE1 . DGL A 2 ? 0.0728 0.0469 0.0790 -0.0030 0.0210  0.0001  2   DGL A OE1 
23  O OE2 . DGL A 2 ? 0.0523 0.0483 0.0811 -0.0004 0.0194  0.0065  2   DGL A OE2 
31  N N   . VAL A 3 ? 0.0415 0.0473 0.0566 -0.0043 0.0021  -0.0010 3   VAL A N   
32  C CA  A VAL A 3 ? 0.0442 0.0613 0.0495 -0.0120 -0.0014 0.0037  3   VAL A CA  
33  C CA  B VAL A 3 ? 0.0394 0.0515 0.0606 -0.0099 0.0044  0.0095  3   VAL A CA  
34  C C   . VAL A 3 ? 0.0489 0.0496 0.0489 -0.0106 0.0054  0.0033  3   VAL A C   
35  O O   . VAL A 3 ? 0.0529 0.0694 0.0505 -0.0051 0.0060  -0.0052 3   VAL A O   
36  C CB  A VAL A 3 ? 0.0605 0.0538 0.0577 -0.0070 -0.0016 0.0075  3   VAL A CB  
37  C CB  B VAL A 3 ? 0.0636 0.0539 0.0452 0.0036  0.0044  0.0008  3   VAL A CB  
38  C CG1 A VAL A 3 ? 0.0962 0.0665 0.0770 -0.0112 0.0121  0.0241  3   VAL A CG1 
39  C CG1 B VAL A 3 ? 0.0563 0.0562 0.0793 0.0000  0.0100  0.0221  3   VAL A CG1 
40  C CG2 A VAL A 3 ? 0.0885 0.1342 0.1683 0.0218  -0.0424 0.0507  3   VAL A CG2 
41  C CG2 B VAL A 3 ? 0.0620 0.0482 0.0779 -0.0069 0.0076  0.0067  3   VAL A CG2 
59  N N   . DLY A 4 ? 0.0372 0.0534 0.0496 -0.0020 0.0073  -0.0006 4   DLY A N   
60  C CA  . DLY A 4 ? 0.0427 0.0461 0.0529 -0.0016 0.0084  0.0001  4   DLY A CA  
61  C C   . DLY A 4 ? 0.0370 0.0493 0.0485 0.0034  0.0065  0.0033  4   DLY A C   
62  O O   . DLY A 4 ? 0.0432 0.0428 0.0527 -0.0022 0.0085  -0.0015 4   DLY A O   
63  C CB  . DLY A 4 ? 0.0411 0.0454 0.0543 -0.0014 0.0033  0.0035  4   DLY A CB  
64  C CG  . DLY A 4 ? 0.0497 0.0482 0.0567 -0.0052 0.0059  0.0000  4   DLY A CG  
65  C CD  . DLY A 4 ? 0.0431 0.0460 0.0585 0.0000  0.0077  -0.0007 4   DLY A CD  
66  C CE  . DLY A 4 ? 0.0609 0.0501 0.0579 -0.0058 0.0031  0.0027  4   DLY A CE  
67  N NZ  . DLY A 4 ? 0.0619 0.0512 0.0574 -0.0051 0.0059  0.0020  4   DLY A NZ  
80  N N   . DPR A 5 ? 0.0479 0.0444 0.0530 -0.0031 0.0086  0.0002  5   DPR A N   
81  C CA  A DPR A 5 ? 0.0672 0.0379 0.0519 -0.0057 0.0145  0.0026  5   DPR A CA  
82  C CA  B DPR A 5 ? 0.0580 0.0629 0.0524 -0.0094 0.0167  0.0055  5   DPR A CA  
83  C CB  A DPR A 5 ? 0.1017 0.0610 0.0750 -0.0381 0.0563  -0.0120 5   DPR A CB  
84  C CB  B DPR A 5 ? 0.0956 0.0813 0.0797 -0.0064 0.0287  -0.0284 5   DPR A CB  
85  C CG  A DPR A 5 ? 0.0550 0.0496 0.0500 -0.0124 0.0205  -0.0187 5   DPR A CG  
86  C CG  B DPR A 5 ? 0.1075 0.0854 0.0880 -0.0182 0.0425  -0.0204 5   DPR A CG  
87  C CD  A DPR A 5 ? 0.0440 0.0383 0.0507 -0.0066 0.0092  -0.0022 5   DPR A CD  
88  C CD  B DPR A 5 ? 0.0542 0.0684 0.0735 0.0113  0.0096  -0.0215 5   DPR A CD  
89  C C   . DPR A 5 ? 0.0458 0.0453 0.0603 -0.0010 0.0217  0.0071  5   DPR A C   
90  O O   . DPR A 5 ? 0.0437 0.0496 0.0828 0.0012  0.0092  0.0126  5   DPR A O   
105 N N   . GLU A 6 ? 0.0460 0.0459 0.0581 -0.0029 0.0082  0.0095  6   GLU A N   
106 C CA  A GLU A 6 ? 0.0435 0.0486 0.0628 -0.0059 0.0035  0.0082  6   GLU A CA  
107 C CA  B GLU A 6 ? 0.0369 0.0537 0.0725 0.0055  0.0060  -0.0039 6   GLU A CA  
108 C C   . GLU A 6 ? 0.0441 0.0469 0.0641 -0.0025 -0.0032 0.0071  6   GLU A C   
109 O O   . GLU A 6 ? 0.0512 0.0747 0.0717 -0.0163 0.0017  0.0055  6   GLU A O   
110 C CB  A GLU A 6 ? 0.0456 0.0428 0.0629 -0.0011 0.0079  0.0033  6   GLU A CB  
111 C CB  B GLU A 6 ? 0.0774 0.1037 0.0955 -0.0502 -0.0053 0.0308  6   GLU A CB  
112 C CG  A GLU A 6 ? 0.0520 0.0463 0.0559 -0.0022 0.0042  0.0063  6   GLU A CG  
113 C CG  B GLU A 6 ? 0.1367 0.1807 0.1353 -0.0697 0.0388  0.0176  6   GLU A CG  
114 C CD  A GLU A 6 ? 0.0446 0.0431 0.0556 0.0005  0.0020  0.0061  6   GLU A CD  
115 C CD  B GLU A 6 ? 0.0891 0.1349 0.0939 -0.0254 0.0168  0.0230  6   GLU A CD  
116 O OE1 A GLU A 6 ? 0.0559 0.0551 0.0693 0.0035  0.0113  0.0150  6   GLU A OE1 
117 O OE1 B GLU A 6 ? 0.1456 0.1108 0.1340 -0.0182 -0.0189 0.0159  6   GLU A OE1 
118 O OE2 A GLU A 6 ? 0.0459 0.0797 0.1003 0.0024  0.0153  0.0446  6   GLU A OE2 
119 O OE2 B GLU A 6 ? 0.2119 0.1732 0.1001 -0.0230 0.0107  0.0611  6   GLU A OE2 
132 N N   . DVA A 7 ? 0.0367 0.0562 0.0581 -0.0072 0.0046  0.0028  7   DVA A N   
133 C CA  . DVA A 7 ? 0.0431 0.0526 0.0525 -0.0070 -0.0005 0.0006  7   DVA A CA  
134 C CB  . DVA A 7 ? 0.0499 0.0552 0.0557 -0.0046 -0.0004 0.0031  7   DVA A CB  
135 C CG1 . DVA A 7 ? 0.0622 0.0589 0.0698 0.0067  0.0041  -0.0003 7   DVA A CG1 
136 C CG2 . DVA A 7 ? 0.0540 0.0668 0.0616 -0.0012 0.0011  0.0113  7   DVA A CG2 
137 C C   . DVA A 7 ? 0.0447 0.0507 0.0511 -0.0040 0.0034  0.0003  7   DVA A C   
138 O O   . DVA A 7 ? 0.0564 0.0889 0.0716 0.0159  -0.0112 -0.0249 7   DVA A O   
148 N N   . LYS A 8 ? 0.0409 0.0481 0.0494 -0.0049 0.0018  0.0029  8   LYS A N   
149 C CA  . LYS A 8 ? 0.0374 0.0474 0.0663 -0.0022 0.0056  0.0052  8   LYS A CA  
150 C C   . LYS A 8 ? 0.0379 0.0407 0.0526 -0.0007 -0.0028 0.0049  8   LYS A C   
151 O O   . LYS A 8 ? 0.0426 0.0456 0.0566 0.0007  0.0074  -0.0011 8   LYS A O   
152 C CB  . LYS A 8 ? 0.0537 0.0782 0.1112 -0.0029 -0.0013 0.0445  8   LYS A CB  
153 C CG  . LYS A 8 ? 0.0652 0.0657 0.0939 0.0071  0.0153  0.0300  8   LYS A CG  
154 C CD  . LYS A 8 ? 0.0782 0.0639 0.1051 0.0142  0.0101  0.0197  8   LYS A CD  
155 C CE  . LYS A 8 ? 0.0756 0.0776 0.0900 0.0114  0.0187  0.0237  8   LYS A CE  
156 N NZ  . LYS A 8 ? 0.0571 0.0636 0.0627 -0.0065 0.0077  0.0136  8   LYS A NZ  
170 C C1  A TFA B . ? 0.0318 0.0356 0.0370 -0.0019 0.0033  0.0037  101 TFA A C1  
171 C C1  B TFA B . ? 0.0606 0.0638 0.0745 -0.0088 0.0020  -0.0064 101 TFA A C1  
172 C C2  A TFA B . ? 0.0377 0.0393 0.0400 -0.0112 0.0022  -0.0098 101 TFA A C2  
173 C C2  B TFA B . ? 0.0692 0.0599 0.0812 -0.0258 0.0192  -0.0200 101 TFA A C2  
174 O O   A TFA B . ? 0.0470 0.0723 0.0427 0.0023  0.0010  -0.0009 101 TFA A O   
175 O O   B TFA B . ? 0.0691 0.0941 0.0685 0.0191  0.0131  0.0089  101 TFA A O   
176 F F1  A TFA B . ? 0.0490 0.1311 0.0499 -0.0453 0.0208  -0.0089 101 TFA A F1  
177 F F1  B TFA B . ? 0.0814 0.3261 0.1401 -0.0636 0.0287  -0.1067 101 TFA A F1  
178 F F2  A TFA B . ? 0.0428 0.0793 0.0210 0.0129  0.0081  0.0129  101 TFA A F2  
179 F F2  B TFA B . ? 0.0637 0.1943 0.0772 0.0248  0.0149  -0.0190 101 TFA A F2  
180 F F3  A TFA B . ? 0.0790 0.0685 0.0520 0.0342  0.0143  -0.0031 101 TFA A F3  
181 F F3  B TFA B . ? 0.1139 0.1934 0.1124 -0.0389 0.0298  0.0486  101 TFA A F3  
182 O OXT A TFA B . ? 0.0399 0.0669 0.0320 0.0064  0.0091  0.0057  101 TFA A OXT 
183 O OXT B TFA B . ? 0.0334 0.0493 0.0729 -0.0028 0.0190  0.0124  101 TFA A OXT 
184 C C1  A TFA C . ? 0.0506 0.0553 0.0651 0.0058  0.0001  0.0119  102 TFA A C1  
185 C C1  B TFA C . ? 0.0574 0.0493 0.0519 0.0053  -0.0064 0.0044  102 TFA A C1  
186 C C2  A TFA C . ? 0.0538 0.0633 0.0638 0.0000  -0.0020 0.0105  102 TFA A C2  
187 C C2  B TFA C . ? 0.0610 0.0520 0.0876 0.0213  0.0144  0.0055  102 TFA A C2  
188 O O   A TFA C . ? 0.0718 0.0455 0.0658 0.0101  0.0008  0.0095  102 TFA A O   
189 O O   B TFA C . ? 0.0883 0.0585 0.0686 0.0077  0.0070  0.0093  102 TFA A O   
190 F F1  A TFA C . ? 0.1195 0.0928 0.1439 -0.0394 -0.0055 -0.0418 102 TFA A F1  
191 F F1  B TFA C . ? 0.0888 0.0805 0.0503 0.0000  -0.0091 -0.0193 102 TFA A F1  
192 F F2  A TFA C . ? 0.0639 0.1257 0.0599 0.0464  -0.0148 -0.0253 102 TFA A F2  
193 F F2  B TFA C . ? 0.1439 0.0539 0.1436 0.0118  0.0446  0.0096  102 TFA A F2  
194 F F3  A TFA C . ? 0.1462 0.1368 0.0935 0.0354  -0.0331 0.0032  102 TFA A F3  
195 F F3  B TFA C . ? 0.0610 0.0719 0.0801 0.0084  0.0059  -0.0049 102 TFA A F3  
196 O OXT A TFA C . ? 0.0623 0.0546 0.0646 0.0016  0.0017  0.0103  102 TFA A OXT 
197 O OXT B TFA C . ? 0.0707 0.0412 0.0678 -0.0001 0.0124  -0.0011 102 TFA A OXT 
198 O O   . HOH D . ? 0.1072 0.0595 0.0551 -0.0114 -0.0061 0.0051  201 HOH A O   
201 O O   . HOH D . ? 0.0474 0.0603 0.0595 0.0047  -0.0020 0.0025  202 HOH A O   
# 
